data_9JBM
#
_entry.id   9JBM
#
_cell.length_a   1.00
_cell.length_b   1.00
_cell.length_c   1.00
_cell.angle_alpha   90.00
_cell.angle_beta   90.00
_cell.angle_gamma   90.00
#
_symmetry.space_group_name_H-M   'P 1'
#
loop_
_entity.id
_entity.type
_entity.pdbx_description
1 polymer 'Endoplasmic reticulum transmembrane helix translocase'
2 polymer 'Putative endogenous substrate'
#
loop_
_entity_poly.entity_id
_entity_poly.type
_entity_poly.pdbx_seq_one_letter_code
_entity_poly.pdbx_strand_id
1 'polypeptide(L)'
;LAAGPALIANGDELVAAVWPYRRLALLRRLTVLPFAGLLYPAWLGAAAAGCWGWGSSWVQIPEAALLVLATICLAHALTV
LSGHWSVHAHCALTCTPEYDPSKATFVKVVPTPNNGSTELVALHRNEGEDGLEVLSFEFQKIKYSYDALEKKQFLPVAFP
VGNAFSYYQSNRGFQEDSEIRAAEKKFGSNKAEMVVPDFSELFKERATAPFFVFQVFCVGLWCLDEYWYYSVFTLSMLVA
FEASLVQQQMRNMSEIRKMGNKPHMIQVYRSRKWRPIASDEIVPGDIVSIGRSPQENLVPCDVLLLRGRCIVDEAMLTGE
SVPQMKEPIEDLSPDRVLDLQADSRLHVIFGGTKVVQHIPPQKATTGLKPVDSGCVAYVLRTGFNTSQGKLLRTILFGVK
RVTANNLETFIFILFLLVFAIAAAAYVWIEGTKDPSRNRYKLFLECTLILTSVVPPELPIELSLAVNTSLIALAKLYMYC
TEPFRIPFAGKVEVCCFDKTGTLTSDSLVVRGVAGLRDGKEVTPVSSIPVETHRALASCHSLMQLDDGTLVGDPLEKAML
TAVDWTLTKDEKVFPRSIKTQGLKIHQRFHFASALKRMSVLASYEKLGSTDLCYIAAVKGAPETLHSMFSQCPPDYHHIH
TEISREGARVLALGYKELGHLTHQQAREVKREALECSLKFVGFIVVSCPLKADSKAVIREIQNASHRVVMITGDNPLTAC
HVAQELHFIEKAHTLILQPPSEKGRQCEWRSIDGSIVLPLARGSPKALALEYALCLTGDGLAHLQATDPQQLLRLIPHVQ
VFARVAPKQKEFVITSLKELGYVTLMCGDGTNDVGALKHADVGVALLANAPERVVERRRRPRDSPTLSNSGIRATSRTAK
QRSGLPPSEEQPTSQRDRLSQVLRDLEDESTPIVKLGDASIAAPFTSKLSSIQCICHVIKQGRCTLVTTLQMFKILALNA
LILAYSQSVLYLEGVKFSDFQATLQGLLLAGCFLFISRSKPLKTLSRERPLPNIFNLYTILTVMLQFFVHFLSLVYLYRE
AQARSPEKQEQFVDLYKEFEPSLVNSTVYIMAMAMQMATFAINYKGPPFMESLPENKPLVWSLAVSLLAIIGLLLGSSPD
FNSQFGLVDIPVEFKLVIAQVLLLDFCLALLADRVLQFFLGTP
;
A
2 'polypeptide(L)'
;(UNK)(UNK)(UNK)(UNK)(UNK)(UNK)(UNK)(UNK)(UNK)(UNK)(UNK)(UNK)(UNK)(UNK)(UNK)(UNK)
(UNK)(UNK)(UNK)(UNK)(UNK)(UNK)
;
B
#
# COMPACT_ATOMS: atom_id res chain seq x y z
N LEU A 1 35.31 20.11 12.37
CA LEU A 1 36.05 19.16 13.21
C LEU A 1 35.17 18.67 14.36
N ALA A 2 34.87 17.37 14.36
CA ALA A 2 34.78 16.56 15.57
C ALA A 2 33.36 16.61 16.13
N ALA A 3 32.41 16.66 15.21
CA ALA A 3 31.01 16.37 15.54
C ALA A 3 30.85 14.98 16.15
N GLY A 4 30.30 14.95 17.36
CA GLY A 4 29.97 13.73 18.08
C GLY A 4 28.83 12.88 17.56
N PRO A 5 28.54 11.81 18.31
CA PRO A 5 27.39 10.94 18.02
C PRO A 5 26.04 11.66 18.02
N ALA A 6 25.16 11.22 17.12
CA ALA A 6 23.78 11.70 17.04
C ALA A 6 23.73 13.19 16.68
N LEU A 7 24.07 13.45 15.42
CA LEU A 7 24.18 14.80 14.87
C LEU A 7 22.89 15.36 14.29
N ILE A 8 21.74 15.20 14.94
CA ILE A 8 20.51 15.78 14.41
C ILE A 8 19.79 16.54 15.52
N ALA A 9 19.05 17.56 15.10
CA ALA A 9 18.21 18.31 16.02
C ALA A 9 17.11 17.41 16.57
N ASN A 10 16.88 17.50 17.87
CA ASN A 10 15.74 16.81 18.45
C ASN A 10 14.43 17.34 17.85
N GLY A 11 13.64 16.42 17.30
CA GLY A 11 12.33 16.71 16.77
C GLY A 11 12.25 16.76 15.26
N ASP A 12 13.33 16.42 14.55
CA ASP A 12 13.20 16.17 13.12
C ASP A 12 12.30 14.96 12.89
N GLU A 13 11.35 15.12 11.98
CA GLU A 13 10.37 14.07 11.70
C GLU A 13 10.95 12.88 10.94
N LEU A 14 11.99 13.10 10.12
CA LEU A 14 12.47 12.06 9.22
C LEU A 14 13.64 11.23 9.74
N VAL A 15 14.69 11.87 10.25
CA VAL A 15 15.96 11.21 10.55
C VAL A 15 16.18 11.14 12.06
N ALA A 16 16.36 9.92 12.59
CA ALA A 16 16.60 9.80 14.02
C ALA A 16 18.05 10.02 14.46
N ALA A 17 19.04 9.51 13.70
CA ALA A 17 20.44 9.68 14.11
C ALA A 17 21.33 9.67 12.87
N VAL A 18 22.41 10.47 12.90
CA VAL A 18 23.35 10.55 11.79
C VAL A 18 24.80 10.35 12.21
N TRP A 19 25.46 9.32 11.66
CA TRP A 19 26.88 9.04 11.89
C TRP A 19 27.62 9.03 10.56
N PRO A 20 28.63 9.89 10.37
CA PRO A 20 29.46 9.83 9.15
C PRO A 20 30.46 8.67 9.05
N TYR A 21 30.60 8.08 7.86
CA TYR A 21 31.55 7.00 7.59
C TYR A 21 32.29 7.31 6.28
N ARG A 22 33.58 6.95 6.23
CA ARG A 22 34.36 7.02 5.00
C ARG A 22 34.57 5.62 4.45
N ARG A 23 34.45 5.49 3.13
CA ARG A 23 34.70 4.21 2.44
C ARG A 23 36.20 3.93 2.41
N LEU A 24 36.58 2.72 2.81
CA LEU A 24 37.95 2.25 2.66
C LEU A 24 38.32 2.03 1.19
N ALA A 25 39.57 2.35 0.88
CA ALA A 25 40.19 1.99 -0.38
C ALA A 25 40.08 0.50 -0.66
N LEU A 26 39.93 0.18 -1.94
CA LEU A 26 39.63 -1.19 -2.40
C LEU A 26 40.55 -2.22 -1.76
N LEU A 27 41.86 -1.95 -1.74
CA LEU A 27 42.82 -2.91 -1.18
C LEU A 27 42.67 -3.07 0.34
N ARG A 28 42.16 -2.07 1.03
CA ARG A 28 42.00 -2.15 2.48
C ARG A 28 40.65 -2.71 2.92
N ARG A 29 39.74 -2.96 1.98
CA ARG A 29 38.45 -3.54 2.33
C ARG A 29 38.59 -4.95 2.88
N LEU A 30 37.78 -5.23 3.91
CA LEU A 30 37.68 -6.55 4.53
C LEU A 30 37.11 -7.61 3.60
N THR A 31 36.62 -7.21 2.42
CA THR A 31 36.25 -8.20 1.41
C THR A 31 37.48 -8.75 0.69
N VAL A 32 38.61 -8.04 0.74
CA VAL A 32 39.78 -8.44 -0.02
C VAL A 32 40.96 -8.83 0.87
N LEU A 33 41.31 -8.01 1.89
CA LEU A 33 42.49 -8.30 2.71
C LEU A 33 42.43 -9.74 3.24
N PRO A 34 41.37 -10.17 3.92
CA PRO A 34 41.34 -11.56 4.41
C PRO A 34 41.27 -12.56 3.27
N PHE A 35 40.73 -12.15 2.13
CA PHE A 35 40.54 -13.01 0.97
C PHE A 35 41.77 -13.04 0.08
N ALA A 36 42.11 -11.89 -0.52
CA ALA A 36 43.25 -11.79 -1.42
C ALA A 36 44.59 -11.88 -0.69
N GLY A 37 44.63 -11.50 0.58
CA GLY A 37 45.86 -11.50 1.35
C GLY A 37 46.26 -12.73 2.16
N LEU A 38 45.34 -13.59 2.59
CA LEU A 38 45.74 -14.68 3.47
C LEU A 38 45.37 -16.07 2.98
N LEU A 39 44.07 -16.36 2.80
CA LEU A 39 43.66 -17.75 2.57
C LEU A 39 44.12 -18.26 1.21
N TYR A 40 43.85 -17.49 0.15
CA TYR A 40 44.31 -17.87 -1.19
C TYR A 40 45.81 -17.90 -1.42
N PRO A 41 46.62 -16.95 -0.94
CA PRO A 41 48.07 -17.13 -1.09
C PRO A 41 48.64 -18.35 -0.37
N ALA A 42 48.13 -18.73 0.80
CA ALA A 42 48.64 -19.95 1.43
C ALA A 42 48.25 -21.20 0.65
N TRP A 43 47.03 -21.21 0.11
CA TRP A 43 46.59 -22.30 -0.77
C TRP A 43 47.40 -22.36 -2.06
N LEU A 44 47.59 -21.22 -2.73
CA LEU A 44 48.42 -21.17 -3.93
C LEU A 44 49.86 -21.62 -3.63
N GLY A 45 50.41 -21.23 -2.49
CA GLY A 45 51.77 -21.64 -2.18
C GLY A 45 51.89 -23.13 -1.93
N ALA A 46 50.92 -23.71 -1.22
CA ALA A 46 50.87 -25.16 -1.09
C ALA A 46 50.61 -25.86 -2.42
N ALA A 47 49.84 -25.23 -3.31
CA ALA A 47 49.62 -25.78 -4.65
C ALA A 47 50.88 -25.78 -5.50
N ALA A 48 51.63 -24.68 -5.50
CA ALA A 48 52.88 -24.63 -6.24
C ALA A 48 53.91 -25.58 -5.63
N ALA A 49 53.92 -25.73 -4.30
CA ALA A 49 54.80 -26.69 -3.67
C ALA A 49 54.35 -28.12 -3.92
N GLY A 50 53.26 -28.30 -4.67
CA GLY A 50 52.75 -29.62 -4.97
C GLY A 50 52.09 -30.30 -3.79
N GLU A 63 42.70 -32.96 -5.05
CA GLU A 63 41.24 -32.83 -5.11
C GLU A 63 40.68 -32.32 -3.79
N ALA A 64 41.32 -32.71 -2.68
CA ALA A 64 40.89 -32.26 -1.36
C ALA A 64 41.13 -30.76 -1.20
N ALA A 65 42.22 -30.26 -1.78
CA ALA A 65 42.51 -28.83 -1.77
C ALA A 65 41.44 -28.02 -2.48
N LEU A 66 40.98 -28.47 -3.66
CA LEU A 66 39.93 -27.75 -4.38
C LEU A 66 38.61 -27.71 -3.60
N LEU A 67 38.24 -28.81 -2.94
CA LEU A 67 37.04 -28.78 -2.10
C LEU A 67 37.17 -27.80 -0.95
N VAL A 68 38.32 -27.76 -0.28
CA VAL A 68 38.55 -26.81 0.82
C VAL A 68 38.53 -25.38 0.29
N LEU A 69 39.10 -25.17 -0.90
CA LEU A 69 39.01 -23.88 -1.58
C LEU A 69 37.56 -23.48 -1.88
N ALA A 70 36.75 -24.41 -2.38
CA ALA A 70 35.36 -24.09 -2.71
C ALA A 70 34.58 -23.65 -1.47
N THR A 71 34.80 -24.29 -0.33
CA THR A 71 34.14 -23.83 0.90
C THR A 71 34.65 -22.46 1.32
N ILE A 72 35.95 -22.20 1.15
CA ILE A 72 36.50 -20.87 1.37
C ILE A 72 35.87 -19.86 0.40
N CYS A 73 35.78 -20.24 -0.87
CA CYS A 73 35.15 -19.38 -1.89
C CYS A 73 33.69 -19.09 -1.56
N LEU A 74 32.94 -20.11 -1.12
CA LEU A 74 31.55 -19.90 -0.72
C LEU A 74 31.41 -18.97 0.47
N ALA A 75 32.26 -19.13 1.49
CA ALA A 75 32.23 -18.20 2.63
C ALA A 75 32.51 -16.76 2.18
N HIS A 76 33.47 -16.57 1.27
CA HIS A 76 33.73 -15.25 0.72
C HIS A 76 32.54 -14.68 -0.03
N ALA A 77 31.93 -15.47 -0.92
CA ALA A 77 30.75 -15.01 -1.64
C ALA A 77 29.64 -14.57 -0.69
N LEU A 78 29.37 -15.34 0.36
CA LEU A 78 28.34 -14.94 1.31
C LEU A 78 28.70 -13.64 2.04
N THR A 79 29.97 -13.45 2.41
CA THR A 79 30.39 -12.20 3.05
C THR A 79 30.29 -10.98 2.14
N VAL A 80 30.65 -11.10 0.86
CA VAL A 80 30.46 -9.96 -0.05
C VAL A 80 28.98 -9.65 -0.22
N LEU A 81 28.15 -10.67 -0.47
CA LEU A 81 26.71 -10.50 -0.63
C LEU A 81 26.02 -10.00 0.63
N SER A 82 26.50 -10.38 1.81
CA SER A 82 25.92 -9.87 3.06
C SER A 82 26.02 -8.36 3.14
N GLY A 83 27.07 -7.77 2.56
CA GLY A 83 27.12 -6.32 2.44
C GLY A 83 26.05 -5.77 1.52
N HIS A 84 25.64 -6.56 0.53
CA HIS A 84 24.53 -6.18 -0.34
C HIS A 84 23.20 -6.38 0.37
N TRP A 85 23.10 -7.40 1.22
CA TRP A 85 21.84 -7.71 1.88
C TRP A 85 21.51 -6.69 2.99
N SER A 86 22.53 -6.12 3.63
CA SER A 86 22.30 -5.20 4.73
C SER A 86 23.23 -4.00 4.62
N VAL A 87 22.64 -2.80 4.59
CA VAL A 87 23.41 -1.56 4.62
C VAL A 87 24.22 -1.46 5.90
N HIS A 88 23.69 -1.99 7.01
CA HIS A 88 24.44 -2.00 8.26
C HIS A 88 25.67 -2.90 8.15
N ALA A 89 25.51 -4.08 7.55
CA ALA A 89 26.65 -4.95 7.30
C ALA A 89 27.63 -4.33 6.31
N HIS A 90 27.10 -3.69 5.25
CA HIS A 90 27.94 -2.97 4.29
C HIS A 90 28.81 -1.92 4.97
N CYS A 91 28.23 -1.09 5.82
CA CYS A 91 29.02 -0.08 6.54
C CYS A 91 30.10 -0.70 7.40
N ALA A 92 29.76 -1.74 8.16
CA ALA A 92 30.74 -2.41 9.02
C ALA A 92 31.87 -3.05 8.21
N LEU A 93 31.54 -3.60 7.04
CA LEU A 93 32.50 -4.36 6.26
C LEU A 93 33.39 -3.45 5.40
N THR A 94 32.86 -2.30 4.95
CA THR A 94 33.56 -1.54 3.92
C THR A 94 33.94 -0.12 4.36
N CYS A 95 33.44 0.38 5.47
CA CYS A 95 33.70 1.77 5.82
C CYS A 95 34.20 1.84 7.26
N THR A 96 34.91 2.94 7.58
CA THR A 96 35.23 3.28 8.96
C THR A 96 34.71 4.65 9.37
N PRO A 97 34.25 4.81 10.60
CA PRO A 97 33.86 6.13 11.14
C PRO A 97 34.97 7.18 11.27
N GLU A 98 34.67 8.41 10.85
CA GLU A 98 35.62 9.52 10.90
C GLU A 98 34.98 10.75 11.50
N TYR A 99 35.52 11.18 12.63
CA TYR A 99 34.95 12.27 13.42
C TYR A 99 35.20 13.61 12.75
N ASP A 100 36.22 13.70 11.89
CA ASP A 100 36.53 14.95 11.21
C ASP A 100 35.74 15.00 9.90
N PRO A 101 34.77 15.90 9.76
CA PRO A 101 33.95 15.96 8.55
C PRO A 101 34.70 16.30 7.27
N SER A 102 35.84 16.97 7.35
CA SER A 102 36.58 17.26 6.12
C SER A 102 37.12 16.01 5.45
N LYS A 103 37.46 14.97 6.22
CA LYS A 103 37.94 13.72 5.62
C LYS A 103 36.84 12.71 5.32
N ALA A 104 35.63 12.90 5.83
CA ALA A 104 34.58 11.93 5.54
C ALA A 104 34.11 12.00 4.09
N THR A 105 33.68 10.86 3.57
CA THR A 105 33.10 10.77 2.22
C THR A 105 31.63 10.42 2.17
N PHE A 106 31.12 9.57 3.05
CA PHE A 106 29.73 9.14 3.04
C PHE A 106 29.09 9.32 4.41
N VAL A 107 27.77 9.34 4.43
CA VAL A 107 27.02 9.36 5.68
C VAL A 107 25.92 8.31 5.62
N LYS A 108 25.87 7.43 6.61
CA LYS A 108 24.76 6.51 6.75
C LYS A 108 23.67 7.19 7.59
N VAL A 109 22.53 7.43 6.94
CA VAL A 109 21.39 8.10 7.54
C VAL A 109 20.36 7.06 7.95
N VAL A 110 20.02 7.06 9.23
CA VAL A 110 18.96 6.22 9.78
C VAL A 110 17.72 7.09 9.97
N PRO A 111 16.64 6.85 9.22
CA PRO A 111 15.39 7.58 9.42
C PRO A 111 14.74 7.26 10.76
N THR A 112 13.84 8.16 11.15
CA THR A 112 12.90 7.90 12.24
C THR A 112 12.09 6.63 11.96
N PRO A 113 11.64 5.93 13.01
CA PRO A 113 10.87 4.70 12.81
C PRO A 113 9.66 4.90 11.90
N ASN A 114 9.46 3.89 11.04
CA ASN A 114 8.44 3.85 9.99
C ASN A 114 8.73 4.77 8.80
N ASN A 115 9.67 5.70 8.92
CA ASN A 115 9.96 6.62 7.82
C ASN A 115 10.99 6.02 6.86
N GLY A 116 10.81 4.74 6.56
CA GLY A 116 11.64 4.09 5.56
C GLY A 116 12.76 3.22 6.11
N SER A 117 13.85 3.16 5.34
CA SER A 117 15.01 2.33 5.62
C SER A 117 16.26 3.21 5.77
N THR A 118 17.24 2.67 6.49
CA THR A 118 18.55 3.31 6.57
C THR A 118 19.22 3.28 5.19
N GLU A 119 19.80 4.43 4.79
CA GLU A 119 20.47 4.52 3.50
C GLU A 119 21.89 5.07 3.72
N LEU A 120 22.82 4.69 2.83
CA LEU A 120 24.13 5.30 2.78
C LEU A 120 24.23 6.30 1.64
N VAL A 121 24.25 7.57 1.98
CA VAL A 121 24.22 8.68 1.03
C VAL A 121 25.60 9.32 0.94
N ALA A 122 25.97 9.76 -0.25
CA ALA A 122 27.22 10.50 -0.41
C ALA A 122 27.07 11.90 0.17
N LEU A 123 28.13 12.39 0.81
CA LEU A 123 28.22 13.77 1.25
C LEU A 123 28.64 14.67 0.10
N HIS A 124 27.81 15.69 -0.15
CA HIS A 124 28.14 16.76 -1.09
C HIS A 124 28.89 17.89 -0.40
N ARG A 125 30.01 18.28 -1.03
CA ARG A 125 30.88 19.35 -0.57
C ARG A 125 30.71 20.52 -1.53
N ASN A 126 30.26 21.67 -1.05
CA ASN A 126 30.09 22.84 -1.89
C ASN A 126 30.78 24.06 -1.30
N GLU A 127 31.33 24.89 -2.18
CA GLU A 127 31.85 26.19 -1.78
C GLU A 127 30.67 27.13 -1.53
N GLY A 128 30.64 27.76 -0.36
CA GLY A 128 29.63 28.77 -0.09
C GLY A 128 29.88 30.08 -0.81
N GLU A 129 28.99 31.04 -0.54
CA GLU A 129 29.19 32.40 -1.05
C GLU A 129 30.43 33.03 -0.43
N ASP A 130 30.69 32.74 0.84
CA ASP A 130 31.83 33.27 1.58
C ASP A 130 33.13 32.55 1.26
N GLY A 131 33.12 31.61 0.33
CA GLY A 131 34.25 30.73 0.14
C GLY A 131 34.42 29.70 1.23
N LEU A 132 33.52 29.67 2.21
CA LEU A 132 33.51 28.68 3.27
C LEU A 132 32.96 27.36 2.75
N GLU A 133 33.57 26.27 3.19
CA GLU A 133 33.12 24.93 2.84
C GLU A 133 31.79 24.63 3.52
N VAL A 134 30.73 24.49 2.72
CA VAL A 134 29.41 24.06 3.19
C VAL A 134 29.26 22.57 2.92
N LEU A 135 29.18 21.79 3.98
CA LEU A 135 28.87 20.36 3.88
C LEU A 135 27.36 20.24 3.81
N SER A 136 26.85 19.47 2.86
CA SER A 136 25.43 19.19 2.76
C SER A 136 25.24 17.76 2.32
N PHE A 137 24.12 17.15 2.66
CA PHE A 137 23.76 15.86 2.09
C PHE A 137 22.30 15.86 1.71
N GLU A 138 21.93 14.96 0.79
CA GLU A 138 20.55 14.77 0.37
C GLU A 138 20.10 13.40 0.85
N PHE A 139 19.11 13.37 1.74
CA PHE A 139 18.50 12.12 2.19
C PHE A 139 17.04 12.12 1.81
N GLN A 140 16.63 11.06 1.11
CA GLN A 140 15.29 10.91 0.56
C GLN A 140 14.85 12.19 -0.18
N LYS A 141 15.79 12.75 -0.93
CA LYS A 141 15.61 13.97 -1.73
C LYS A 141 15.39 15.25 -0.91
N ILE A 142 15.62 15.22 0.40
CA ILE A 142 15.65 16.43 1.21
C ILE A 142 17.11 16.74 1.55
N LYS A 143 17.54 17.96 1.28
CA LYS A 143 18.87 18.42 1.66
C LYS A 143 18.93 18.87 3.12
N TYR A 144 19.87 18.30 3.87
CA TYR A 144 20.20 18.75 5.21
C TYR A 144 21.60 19.38 5.16
N SER A 145 21.71 20.60 5.70
CA SER A 145 23.00 21.28 5.80
C SER A 145 23.49 21.37 7.23
N TYR A 146 24.78 21.15 7.43
CA TYR A 146 25.44 21.34 8.71
C TYR A 146 25.67 22.83 8.95
N ASP A 147 25.14 23.36 10.05
CA ASP A 147 25.47 24.71 10.48
C ASP A 147 26.70 24.60 11.37
N ALA A 148 27.85 25.00 10.83
CA ALA A 148 29.12 24.97 11.54
C ALA A 148 29.36 26.14 12.49
N LEU A 149 28.66 27.27 12.28
CA LEU A 149 29.05 28.51 12.95
C LEU A 149 28.30 28.71 14.28
N GLU A 150 26.97 28.62 14.28
CA GLU A 150 26.20 28.94 15.49
C GLU A 150 25.88 27.71 16.31
N LYS A 151 25.22 26.70 15.70
CA LYS A 151 24.60 25.64 16.49
C LYS A 151 25.41 24.36 16.45
N LYS A 152 26.38 24.27 15.53
CA LYS A 152 27.16 23.05 15.31
C LYS A 152 26.25 21.83 15.12
N GLN A 153 25.16 22.02 14.38
CA GLN A 153 24.18 20.95 14.24
C GLN A 153 23.72 20.91 12.78
N PHE A 154 23.27 19.74 12.34
CA PHE A 154 22.57 19.60 11.07
C PHE A 154 21.15 20.12 11.14
N LEU A 155 20.82 21.01 10.21
CA LEU A 155 19.49 21.57 10.09
C LEU A 155 18.92 21.22 8.71
N PRO A 156 17.62 20.96 8.63
CA PRO A 156 16.96 20.88 7.33
C PRO A 156 17.00 22.24 6.67
N VAL A 157 16.95 22.24 5.34
CA VAL A 157 16.91 23.52 4.64
C VAL A 157 15.74 24.33 5.17
N ALA A 158 16.04 25.52 5.69
CA ALA A 158 15.02 26.42 6.24
C ALA A 158 14.30 27.15 5.12
N PHE A 159 13.01 26.90 5.01
CA PHE A 159 12.13 27.59 4.09
C PHE A 159 11.63 28.86 4.77
N PRO A 160 11.24 29.89 4.01
CA PRO A 160 10.82 31.13 4.66
C PRO A 160 9.44 31.04 5.29
N VAL A 161 9.35 30.27 6.38
CA VAL A 161 8.11 29.92 7.05
C VAL A 161 8.22 30.47 8.46
N GLY A 162 7.08 30.80 9.07
CA GLY A 162 7.16 31.40 10.38
C GLY A 162 7.79 32.78 10.41
N ASN A 163 7.79 33.50 9.28
CA ASN A 163 8.37 34.83 9.22
C ASN A 163 7.33 35.88 9.56
N ALA A 164 7.81 37.08 9.87
CA ALA A 164 6.92 38.21 10.04
C ALA A 164 6.26 38.59 8.72
N PHE A 165 5.06 39.15 8.81
CA PHE A 165 4.35 39.63 7.64
C PHE A 165 4.63 41.11 7.39
N SER A 166 5.91 41.42 7.18
CA SER A 166 6.45 42.71 6.76
C SER A 166 7.35 42.42 5.56
N TYR A 167 8.05 41.29 5.70
CA TYR A 167 8.92 40.76 4.66
C TYR A 167 8.14 40.48 3.38
N TYR A 168 6.94 39.90 3.51
CA TYR A 168 6.17 39.55 2.33
C TYR A 168 5.63 40.80 1.63
N GLN A 169 5.21 41.81 2.40
CA GLN A 169 4.74 43.04 1.76
C GLN A 169 5.88 43.76 1.04
N SER A 170 7.09 43.70 1.59
CA SER A 170 8.18 44.38 0.90
C SER A 170 8.74 43.61 -0.30
N ASN A 171 8.58 42.29 -0.36
CA ASN A 171 9.11 41.60 -1.54
C ASN A 171 8.41 42.08 -2.81
N ARG A 172 9.18 42.20 -3.89
CA ARG A 172 8.62 42.64 -5.17
C ARG A 172 8.97 41.61 -6.23
N GLY A 173 10.22 41.15 -6.19
CA GLY A 173 10.77 40.23 -7.17
C GLY A 173 12.26 40.47 -7.21
N PHE A 174 12.94 39.73 -8.09
CA PHE A 174 14.40 39.86 -8.16
C PHE A 174 14.85 40.33 -9.54
N GLN A 175 15.65 41.40 -9.54
CA GLN A 175 16.23 42.06 -10.71
C GLN A 175 17.65 41.59 -10.95
N GLU A 176 17.93 40.32 -10.68
CA GLU A 176 19.28 39.78 -10.81
C GLU A 176 19.24 38.29 -11.15
N ASP A 177 20.43 37.70 -11.24
CA ASP A 177 20.60 36.27 -11.49
C ASP A 177 21.65 35.59 -10.58
N SER A 178 22.61 36.36 -10.04
CA SER A 178 23.55 35.79 -9.06
C SER A 178 22.84 35.28 -7.80
N GLU A 179 21.98 36.12 -7.21
CA GLU A 179 21.21 35.72 -6.04
C GLU A 179 20.28 34.55 -6.40
N ILE A 180 19.74 34.56 -7.63
CA ILE A 180 18.89 33.45 -8.08
C ILE A 180 19.69 32.16 -8.08
N ARG A 181 20.90 32.18 -8.65
CA ARG A 181 21.75 30.99 -8.65
C ARG A 181 22.10 30.57 -7.23
N ALA A 182 22.31 31.53 -6.33
CA ALA A 182 22.55 31.21 -4.92
C ALA A 182 21.34 30.51 -4.28
N ALA A 183 20.15 31.05 -4.53
CA ALA A 183 18.91 30.44 -4.04
C ALA A 183 18.72 29.05 -4.63
N GLU A 184 19.01 28.90 -5.92
CA GLU A 184 18.98 27.58 -6.57
C GLU A 184 19.94 26.61 -5.92
N LYS A 185 21.14 27.06 -5.59
CA LYS A 185 22.08 26.20 -4.89
C LYS A 185 21.60 25.82 -3.49
N LYS A 186 20.96 26.76 -2.79
CA LYS A 186 20.48 26.49 -1.44
C LYS A 186 19.24 25.59 -1.43
N PHE A 187 18.15 25.96 -2.12
CA PHE A 187 16.87 25.25 -1.99
C PHE A 187 16.70 24.14 -3.04
N GLY A 188 17.33 24.26 -4.18
CA GLY A 188 17.20 23.45 -5.39
C GLY A 188 15.99 23.83 -6.24
N SER A 189 15.95 23.25 -7.44
CA SER A 189 14.85 23.38 -8.39
C SER A 189 13.68 22.49 -7.99
N ASN A 190 12.48 22.83 -8.44
CA ASN A 190 11.31 22.00 -8.21
C ASN A 190 11.37 20.84 -9.21
N LYS A 191 12.05 19.76 -8.83
CA LYS A 191 12.16 18.60 -9.70
C LYS A 191 11.11 17.58 -9.29
N ALA A 192 10.08 17.43 -10.12
CA ALA A 192 9.17 16.29 -10.01
C ALA A 192 9.51 15.19 -10.99
N GLU A 193 10.79 14.91 -11.23
CA GLU A 193 11.19 13.88 -12.18
C GLU A 193 11.13 12.56 -11.43
N MET A 194 10.44 11.59 -12.00
CA MET A 194 10.51 10.24 -11.48
C MET A 194 11.71 9.54 -12.09
N VAL A 195 12.79 9.41 -11.32
CA VAL A 195 13.92 8.58 -11.76
C VAL A 195 13.53 7.12 -11.74
N VAL A 196 13.38 6.53 -12.93
CA VAL A 196 13.18 5.09 -13.11
C VAL A 196 14.50 4.40 -12.85
N PRO A 197 14.59 3.44 -11.92
CA PRO A 197 15.86 2.72 -11.76
C PRO A 197 16.19 1.98 -13.04
N ASP A 198 17.48 1.89 -13.34
CA ASP A 198 17.92 1.12 -14.50
C ASP A 198 17.60 -0.37 -14.33
N PHE A 199 17.43 -1.05 -15.47
CA PHE A 199 17.24 -2.50 -15.47
C PHE A 199 18.32 -3.19 -14.67
N SER A 200 19.56 -2.71 -14.80
CA SER A 200 20.70 -3.30 -14.11
C SER A 200 20.57 -3.18 -12.60
N GLU A 201 19.99 -2.08 -12.12
CA GLU A 201 19.85 -1.93 -10.66
C GLU A 201 18.80 -2.89 -10.09
N LEU A 202 17.64 -2.99 -10.72
CA LEU A 202 16.64 -3.95 -10.27
C LEU A 202 17.11 -5.39 -10.41
N PHE A 203 17.76 -5.72 -11.53
CA PHE A 203 18.31 -7.06 -11.70
C PHE A 203 19.42 -7.38 -10.71
N LYS A 204 20.27 -6.41 -10.38
CA LYS A 204 21.28 -6.59 -9.34
C LYS A 204 20.63 -6.81 -7.97
N GLU A 205 19.59 -6.04 -7.66
CA GLU A 205 18.83 -6.24 -6.42
C GLU A 205 18.24 -7.65 -6.33
N ARG A 206 17.72 -8.15 -7.45
CA ARG A 206 17.18 -9.51 -7.50
C ARG A 206 18.25 -10.60 -7.43
N ALA A 207 19.34 -10.44 -8.17
CA ALA A 207 20.41 -11.43 -8.18
C ALA A 207 21.12 -11.54 -6.84
N THR A 208 21.08 -10.52 -6.00
CA THR A 208 21.62 -10.65 -4.65
C THR A 208 20.60 -11.17 -3.64
N ALA A 209 19.37 -11.48 -4.06
CA ALA A 209 18.41 -12.06 -3.13
C ALA A 209 18.90 -13.41 -2.62
N PRO A 210 18.69 -13.72 -1.33
CA PRO A 210 19.25 -14.95 -0.74
C PRO A 210 18.88 -16.24 -1.47
N PHE A 211 17.62 -16.35 -1.93
CA PHE A 211 17.18 -17.55 -2.64
C PHE A 211 17.88 -17.72 -3.97
N PHE A 212 18.02 -16.63 -4.74
CA PHE A 212 18.69 -16.76 -6.04
C PHE A 212 20.14 -17.18 -5.84
N VAL A 213 20.83 -16.59 -4.85
CA VAL A 213 22.18 -17.01 -4.52
C VAL A 213 22.22 -18.49 -4.15
N PHE A 214 21.26 -18.95 -3.33
CA PHE A 214 21.23 -20.37 -2.98
C PHE A 214 20.99 -21.25 -4.19
N GLN A 215 20.10 -20.84 -5.09
CA GLN A 215 19.84 -21.59 -6.31
C GLN A 215 21.05 -21.64 -7.25
N VAL A 216 21.72 -20.50 -7.46
CA VAL A 216 22.94 -20.48 -8.25
C VAL A 216 24.02 -21.36 -7.61
N PHE A 217 24.11 -21.38 -6.28
CA PHE A 217 25.00 -22.32 -5.61
C PHE A 217 24.63 -23.76 -5.90
N CYS A 218 23.33 -24.07 -5.90
CA CYS A 218 22.91 -25.42 -6.26
C CYS A 218 23.27 -25.78 -7.71
N VAL A 219 23.05 -24.84 -8.65
CA VAL A 219 23.50 -25.05 -10.03
C VAL A 219 25.01 -25.30 -10.08
N GLY A 220 25.77 -24.54 -9.31
CA GLY A 220 27.20 -24.78 -9.21
C GLY A 220 27.51 -26.17 -8.69
N LEU A 221 26.71 -26.65 -7.74
CA LEU A 221 26.87 -28.01 -7.24
C LEU A 221 26.54 -29.07 -8.28
N TRP A 222 25.53 -28.84 -9.12
CA TRP A 222 25.30 -29.82 -10.19
C TRP A 222 26.45 -29.80 -11.19
N CYS A 223 27.01 -28.61 -11.45
CA CYS A 223 28.23 -28.54 -12.26
C CYS A 223 29.37 -29.30 -11.59
N LEU A 224 29.37 -29.31 -10.26
CA LEU A 224 30.33 -30.07 -9.45
C LEU A 224 30.06 -31.57 -9.50
N ASP A 225 28.85 -31.98 -9.88
CA ASP A 225 28.46 -33.38 -9.97
C ASP A 225 28.57 -33.93 -11.38
N GLU A 226 29.28 -33.21 -12.26
CA GLU A 226 29.56 -33.53 -13.66
C GLU A 226 28.38 -33.33 -14.58
N TYR A 227 27.30 -32.69 -14.11
CA TYR A 227 26.17 -32.35 -14.96
C TYR A 227 26.55 -31.11 -15.75
N TRP A 228 27.51 -31.29 -16.67
CA TRP A 228 28.03 -30.14 -17.41
C TRP A 228 26.98 -29.55 -18.32
N TYR A 229 26.34 -30.39 -19.14
CA TYR A 229 25.38 -29.91 -20.13
C TYR A 229 24.14 -29.36 -19.46
N TYR A 230 23.63 -30.09 -18.47
CA TYR A 230 22.48 -29.80 -17.62
C TYR A 230 22.60 -28.52 -16.78
N SER A 231 23.75 -28.27 -16.16
CA SER A 231 23.94 -27.08 -15.34
C SER A 231 23.85 -25.78 -16.11
N VAL A 232 24.46 -25.69 -17.29
CA VAL A 232 24.39 -24.46 -18.07
C VAL A 232 22.95 -24.18 -18.50
N PHE A 233 22.23 -25.20 -18.95
CA PHE A 233 20.85 -25.03 -19.35
C PHE A 233 19.98 -24.55 -18.18
N THR A 234 20.07 -25.23 -17.03
CA THR A 234 19.31 -24.83 -15.85
C THR A 234 19.62 -23.40 -15.41
N LEU A 235 20.91 -23.04 -15.39
CA LEU A 235 21.30 -21.68 -15.05
C LEU A 235 20.72 -20.65 -16.01
N SER A 236 20.80 -20.93 -17.32
CA SER A 236 20.25 -19.99 -18.29
C SER A 236 18.74 -19.83 -18.14
N MET A 237 18.03 -20.92 -17.90
CA MET A 237 16.59 -20.84 -17.66
C MET A 237 16.25 -20.05 -16.41
N LEU A 238 16.97 -20.30 -15.32
CA LEU A 238 16.75 -19.55 -14.08
C LEU A 238 16.97 -18.05 -14.28
N VAL A 239 18.08 -17.69 -14.92
CA VAL A 239 18.38 -16.27 -15.15
C VAL A 239 17.33 -15.65 -16.06
N ALA A 240 16.94 -16.34 -17.13
CA ALA A 240 15.91 -15.82 -18.03
C ALA A 240 14.57 -15.61 -17.31
N PHE A 241 14.22 -16.51 -16.39
CA PHE A 241 12.97 -16.38 -15.65
C PHE A 241 13.01 -15.18 -14.70
N GLU A 242 14.08 -15.06 -13.91
CA GLU A 242 14.19 -13.91 -13.03
C GLU A 242 14.23 -12.61 -13.82
N ALA A 243 14.90 -12.61 -14.97
CA ALA A 243 14.88 -11.45 -15.87
C ALA A 243 13.47 -11.12 -16.36
N SER A 244 12.67 -12.13 -16.69
CA SER A 244 11.30 -11.86 -17.11
C SER A 244 10.46 -11.25 -15.99
N LEU A 245 10.66 -11.70 -14.75
CA LEU A 245 9.94 -11.09 -13.64
C LEU A 245 10.40 -9.64 -13.45
N VAL A 246 11.70 -9.41 -13.57
CA VAL A 246 12.25 -8.06 -13.52
C VAL A 246 11.63 -7.20 -14.63
N GLN A 247 11.50 -7.75 -15.84
CA GLN A 247 10.87 -7.03 -16.94
C GLN A 247 9.44 -6.63 -16.56
N GLN A 248 8.71 -7.51 -15.89
CA GLN A 248 7.36 -7.16 -15.42
C GLN A 248 7.42 -6.03 -14.39
N GLN A 249 8.37 -6.09 -13.48
CA GLN A 249 8.53 -5.01 -12.49
C GLN A 249 8.86 -3.68 -13.18
N MET A 250 9.71 -3.74 -14.21
CA MET A 250 10.03 -2.55 -14.99
C MET A 250 8.81 -2.00 -15.69
N ARG A 251 7.95 -2.88 -16.23
CA ARG A 251 6.71 -2.44 -16.82
C ARG A 251 5.87 -1.67 -15.81
N ASN A 252 5.73 -2.22 -14.60
CA ASN A 252 4.99 -1.55 -13.53
C ASN A 252 5.60 -0.19 -13.17
N MET A 253 6.93 -0.13 -13.11
CA MET A 253 7.67 1.10 -12.82
C MET A 253 7.59 2.18 -13.91
N SER A 254 7.49 1.77 -15.18
CA SER A 254 7.37 2.73 -16.28
C SER A 254 6.07 3.53 -16.23
N GLU A 255 5.00 2.93 -15.71
CA GLU A 255 3.77 3.70 -15.50
C GLU A 255 3.95 4.78 -14.45
N ILE A 256 4.66 4.49 -13.36
CA ILE A 256 4.92 5.55 -12.39
C ILE A 256 5.63 6.71 -13.06
N ARG A 257 6.60 6.42 -13.95
CA ARG A 257 7.23 7.52 -14.68
C ARG A 257 6.20 8.24 -15.53
N LYS A 258 5.25 7.47 -16.08
CA LYS A 258 4.19 8.02 -16.92
C LYS A 258 3.28 8.97 -16.15
N MET A 259 3.34 8.96 -14.82
CA MET A 259 2.50 9.90 -14.09
C MET A 259 3.10 11.30 -14.06
N GLY A 260 4.21 11.50 -13.36
CA GLY A 260 4.90 12.78 -13.29
C GLY A 260 4.09 14.07 -13.19
N ASN A 261 4.62 15.13 -13.80
CA ASN A 261 3.99 16.43 -13.91
C ASN A 261 4.53 17.09 -15.17
N LYS A 262 3.65 17.43 -16.09
CA LYS A 262 4.07 18.15 -17.31
C LYS A 262 4.58 19.56 -17.07
N PRO A 263 5.70 19.96 -17.68
CA PRO A 263 6.21 21.34 -17.64
C PRO A 263 5.20 22.30 -18.24
N HIS A 264 4.93 23.41 -17.57
CA HIS A 264 4.03 24.41 -18.14
C HIS A 264 4.50 25.83 -17.88
N MET A 265 4.01 26.76 -18.72
CA MET A 265 4.34 28.17 -18.58
C MET A 265 3.52 28.81 -17.47
N ILE A 266 4.21 29.51 -16.57
CA ILE A 266 3.56 30.26 -15.51
C ILE A 266 4.09 31.69 -15.58
N GLN A 267 3.29 32.66 -15.17
CA GLN A 267 3.74 34.05 -15.13
C GLN A 267 4.57 34.30 -13.85
N VAL A 268 5.81 34.75 -14.03
CA VAL A 268 6.73 35.08 -12.94
C VAL A 268 7.19 36.51 -13.09
N TYR A 269 7.31 37.23 -11.97
CA TYR A 269 7.82 38.60 -11.97
C TYR A 269 9.32 38.53 -11.70
N ARG A 270 10.12 38.68 -12.76
CA ARG A 270 11.57 38.68 -12.67
C ARG A 270 12.15 39.88 -13.41
N SER A 271 13.24 40.41 -12.84
CA SER A 271 13.94 41.59 -13.38
C SER A 271 12.97 42.74 -13.65
N ARG A 272 12.12 43.01 -12.66
CA ARG A 272 11.09 44.05 -12.67
C ARG A 272 10.06 43.87 -13.78
N LYS A 273 10.03 42.73 -14.46
CA LYS A 273 9.04 42.54 -15.52
C LYS A 273 8.36 41.19 -15.33
N TRP A 274 7.08 41.12 -15.68
CA TRP A 274 6.40 39.85 -15.80
C TRP A 274 6.73 39.11 -17.09
N ARG A 275 7.20 37.86 -16.96
CA ARG A 275 7.55 36.85 -18.00
C ARG A 275 7.01 35.44 -17.82
N PRO A 276 6.58 34.78 -18.90
CA PRO A 276 6.24 33.36 -18.81
C PRO A 276 7.52 32.52 -18.71
N ILE A 277 7.59 31.70 -17.67
CA ILE A 277 8.72 30.82 -17.41
C ILE A 277 8.18 29.42 -17.14
N ALA A 278 8.98 28.41 -17.46
CA ALA A 278 8.61 27.04 -17.16
C ALA A 278 8.62 26.81 -15.65
N SER A 279 7.65 26.03 -15.20
CA SER A 279 7.40 25.85 -13.77
C SER A 279 8.59 25.19 -13.06
N ASP A 280 9.51 24.57 -13.80
CA ASP A 280 10.68 23.98 -13.17
C ASP A 280 11.77 25.00 -12.83
N GLU A 281 11.77 26.20 -13.42
CA GLU A 281 12.80 27.15 -13.01
C GLU A 281 12.33 28.05 -11.87
N ILE A 282 11.13 27.82 -11.32
CA ILE A 282 10.68 28.59 -10.17
C ILE A 282 11.50 28.23 -8.95
N VAL A 283 11.90 29.25 -8.18
CA VAL A 283 12.62 29.04 -6.93
C VAL A 283 11.85 29.73 -5.80
N PRO A 284 11.94 29.22 -4.56
CA PRO A 284 11.34 29.94 -3.42
C PRO A 284 11.85 31.36 -3.28
N GLY A 285 10.90 32.28 -3.08
CA GLY A 285 11.13 33.71 -3.09
C GLY A 285 10.62 34.43 -4.32
N ASP A 286 10.37 33.72 -5.42
CA ASP A 286 9.74 34.30 -6.59
C ASP A 286 8.33 34.74 -6.23
N ILE A 287 7.84 35.77 -6.90
CA ILE A 287 6.42 36.13 -6.81
C ILE A 287 5.76 35.68 -8.10
N VAL A 288 4.76 34.83 -7.99
CA VAL A 288 4.13 34.18 -9.13
C VAL A 288 2.67 34.56 -9.22
N SER A 289 2.13 34.53 -10.44
CA SER A 289 0.70 34.64 -10.68
C SER A 289 0.08 33.25 -10.72
N ILE A 290 -0.94 33.04 -9.88
CA ILE A 290 -1.68 31.79 -9.77
C ILE A 290 -3.13 32.07 -10.14
N GLY A 291 -3.59 31.37 -11.17
CA GLY A 291 -4.96 31.52 -11.61
C GLY A 291 -5.53 30.23 -12.17
N ARG A 292 -6.82 30.27 -12.46
CA ARG A 292 -7.48 29.17 -13.15
C ARG A 292 -6.92 29.06 -14.56
N SER A 293 -6.24 27.93 -14.83
CA SER A 293 -5.73 27.65 -16.16
C SER A 293 -6.76 26.96 -17.02
N PRO A 294 -6.82 27.27 -18.31
CA PRO A 294 -7.76 26.57 -19.22
C PRO A 294 -7.41 25.11 -19.45
N GLN A 295 -6.15 24.73 -19.26
CA GLN A 295 -5.70 23.35 -19.38
C GLN A 295 -5.92 22.51 -18.12
N GLU A 296 -6.57 23.04 -17.10
CA GLU A 296 -6.74 22.34 -15.82
C GLU A 296 -5.40 21.93 -15.22
N ASN A 297 -4.41 22.79 -15.44
CA ASN A 297 -3.08 22.68 -14.84
C ASN A 297 -3.14 22.75 -13.32
N LEU A 298 -2.38 21.89 -12.66
CA LEU A 298 -2.29 21.93 -11.21
C LEU A 298 -1.31 23.02 -10.74
N VAL A 299 -1.54 23.51 -9.52
CA VAL A 299 -0.63 24.47 -8.89
C VAL A 299 0.73 23.83 -8.65
N PRO A 300 1.84 24.44 -9.10
CA PRO A 300 3.12 23.71 -9.09
C PRO A 300 3.83 23.68 -7.74
N CYS A 301 3.44 24.54 -6.79
CA CYS A 301 4.17 24.66 -5.54
C CYS A 301 3.24 25.18 -4.45
N ASP A 302 3.73 25.14 -3.20
CA ASP A 302 2.99 25.73 -2.09
C ASP A 302 3.20 27.23 -2.08
N VAL A 303 2.10 27.96 -2.10
CA VAL A 303 2.18 29.40 -2.30
C VAL A 303 1.24 30.08 -1.30
N LEU A 304 1.70 31.21 -0.77
CA LEU A 304 0.91 32.06 0.12
C LEU A 304 0.20 33.12 -0.71
N LEU A 305 -1.12 33.18 -0.58
CA LEU A 305 -1.92 34.13 -1.36
C LEU A 305 -1.72 35.53 -0.80
N LEU A 306 -1.06 36.38 -1.59
CA LEU A 306 -0.80 37.76 -1.18
C LEU A 306 -1.98 38.68 -1.53
N ARG A 307 -2.47 38.58 -2.76
CA ARG A 307 -3.52 39.45 -3.26
C ARG A 307 -4.42 38.69 -4.22
N GLY A 308 -5.69 39.10 -4.27
CA GLY A 308 -6.74 38.44 -5.01
C GLY A 308 -7.33 37.28 -4.22
N ARG A 309 -8.55 36.88 -4.62
CA ARG A 309 -9.26 35.83 -3.89
C ARG A 309 -9.46 34.60 -4.75
N CYS A 310 -9.47 33.41 -4.15
CA CYS A 310 -9.75 32.28 -5.02
C CYS A 310 -10.59 31.21 -4.32
N ILE A 311 -11.40 30.49 -5.09
CA ILE A 311 -12.03 29.28 -4.61
C ILE A 311 -11.15 28.15 -5.12
N VAL A 312 -10.63 27.33 -4.21
CA VAL A 312 -9.77 26.20 -4.56
C VAL A 312 -10.40 24.90 -4.08
N ASP A 313 -10.41 23.88 -4.94
CA ASP A 313 -10.72 22.50 -4.55
C ASP A 313 -9.43 21.86 -4.02
N GLU A 314 -9.33 21.70 -2.70
CA GLU A 314 -8.17 21.05 -2.08
C GLU A 314 -8.44 19.57 -1.77
N ALA A 315 -8.92 18.87 -2.81
CA ALA A 315 -9.26 17.46 -2.67
C ALA A 315 -8.10 16.61 -2.13
N MET A 316 -6.86 16.99 -2.42
CA MET A 316 -5.67 16.31 -1.91
C MET A 316 -5.53 16.27 -0.41
N LEU A 317 -5.95 17.30 0.33
CA LEU A 317 -5.63 17.29 1.75
C LEU A 317 -6.78 16.96 2.69
N THR A 318 -8.00 17.45 2.46
CA THR A 318 -9.08 17.16 3.40
C THR A 318 -9.92 15.98 2.95
N GLY A 319 -9.82 15.61 1.68
CA GLY A 319 -10.67 14.59 1.10
C GLY A 319 -12.08 15.05 0.88
N GLU A 320 -12.43 16.23 1.37
CA GLU A 320 -13.73 16.84 1.15
C GLU A 320 -13.75 17.40 -0.26
N SER A 321 -14.62 16.85 -1.09
CA SER A 321 -14.82 17.14 -2.50
C SER A 321 -15.32 18.56 -2.73
N VAL A 322 -15.33 19.37 -1.68
CA VAL A 322 -15.99 20.67 -1.70
C VAL A 322 -14.92 21.77 -1.69
N PRO A 323 -14.95 22.68 -2.67
CA PRO A 323 -14.02 23.82 -2.67
C PRO A 323 -14.14 24.77 -1.49
N GLN A 324 -12.96 25.19 -1.04
CA GLN A 324 -12.74 26.09 0.08
C GLN A 324 -12.34 27.45 -0.51
N MET A 325 -12.85 28.52 0.09
CA MET A 325 -12.42 29.87 -0.21
C MET A 325 -11.08 30.22 0.44
N LYS A 326 -10.22 30.87 -0.33
CA LYS A 326 -8.96 31.38 0.17
C LYS A 326 -9.03 32.90 -0.01
N GLU A 327 -8.54 33.62 1.01
CA GLU A 327 -8.57 35.07 1.21
C GLU A 327 -7.16 35.65 1.17
N PRO A 328 -7.00 36.87 0.65
CA PRO A 328 -5.67 37.48 0.67
C PRO A 328 -5.27 37.90 2.07
N ILE A 329 -3.97 37.85 2.32
CA ILE A 329 -3.35 38.31 3.57
C ILE A 329 -3.28 39.83 3.66
N GLU A 330 -3.65 40.54 2.59
CA GLU A 330 -3.61 42.01 2.58
C GLU A 330 -4.48 42.64 3.67
N ASP A 331 -5.59 42.02 4.02
CA ASP A 331 -6.49 42.64 5.01
C ASP A 331 -6.02 42.40 6.46
N LEU A 332 -4.93 41.69 6.66
CA LEU A 332 -4.55 41.39 8.04
C LEU A 332 -3.41 42.27 8.55
N SER A 333 -3.29 42.29 9.88
CA SER A 333 -2.23 42.98 10.59
C SER A 333 -0.83 42.47 10.23
N PRO A 334 0.08 43.36 9.86
CA PRO A 334 1.42 42.93 9.39
C PRO A 334 2.29 42.31 10.48
N ASP A 335 2.00 42.56 11.76
CA ASP A 335 2.83 42.06 12.84
C ASP A 335 2.59 40.57 13.13
N ARG A 336 1.58 39.97 12.52
CA ARG A 336 1.28 38.57 12.79
C ARG A 336 2.38 37.68 12.23
N VAL A 337 2.86 36.76 13.07
CA VAL A 337 3.80 35.73 12.66
C VAL A 337 3.05 34.64 11.90
N LEU A 338 3.62 34.22 10.77
CA LEU A 338 3.06 33.11 10.00
C LEU A 338 3.07 31.83 10.80
N ASP A 339 1.88 31.30 11.11
CA ASP A 339 1.76 29.95 11.65
C ASP A 339 1.22 29.05 10.55
N LEU A 340 2.07 28.17 10.01
CA LEU A 340 1.64 27.22 8.99
C LEU A 340 0.52 26.30 9.48
N GLN A 341 0.40 26.11 10.78
CA GLN A 341 -0.65 25.24 11.32
C GLN A 341 -2.01 25.94 11.31
N ALA A 342 -2.04 27.21 11.66
CA ALA A 342 -3.27 27.99 11.74
C ALA A 342 -3.67 28.65 10.43
N ASP A 343 -2.73 29.29 9.74
CA ASP A 343 -3.02 30.14 8.59
C ASP A 343 -3.19 29.35 7.29
N SER A 344 -2.67 28.12 7.22
CA SER A 344 -2.75 27.34 5.99
C SER A 344 -4.19 27.05 5.57
N ARG A 345 -5.11 26.96 6.52
CA ARG A 345 -6.51 26.70 6.16
C ARG A 345 -7.11 27.85 5.36
N LEU A 346 -6.68 29.08 5.64
CA LEU A 346 -7.27 30.24 5.01
C LEU A 346 -6.37 30.91 4.00
N HIS A 347 -5.05 30.91 4.21
CA HIS A 347 -4.15 31.76 3.45
C HIS A 347 -3.12 31.05 2.58
N VAL A 348 -2.88 29.75 2.76
CA VAL A 348 -1.90 29.03 1.93
C VAL A 348 -2.63 28.16 0.91
N ILE A 349 -2.16 28.21 -0.33
CA ILE A 349 -2.57 27.27 -1.38
C ILE A 349 -1.45 26.28 -1.62
N PHE A 350 -1.75 24.99 -1.52
CA PHE A 350 -0.72 23.96 -1.69
C PHE A 350 -0.51 23.60 -3.16
N GLY A 351 0.72 23.17 -3.47
CA GLY A 351 1.02 22.67 -4.80
C GLY A 351 0.24 21.44 -5.21
N GLY A 352 -0.21 21.44 -6.47
CA GLY A 352 -1.00 20.37 -7.02
C GLY A 352 -2.49 20.47 -6.77
N THR A 353 -2.92 21.47 -6.02
CA THR A 353 -4.32 21.75 -5.78
C THR A 353 -4.92 22.41 -7.03
N LYS A 354 -6.23 22.25 -7.23
CA LYS A 354 -6.91 22.85 -8.37
C LYS A 354 -7.63 24.15 -7.99
N VAL A 355 -7.30 25.22 -8.71
CA VAL A 355 -7.99 26.50 -8.59
C VAL A 355 -9.31 26.42 -9.36
N VAL A 356 -10.42 26.33 -8.63
CA VAL A 356 -11.74 26.25 -9.26
C VAL A 356 -12.16 27.60 -9.82
N GLN A 357 -11.96 28.67 -9.06
CA GLN A 357 -12.35 30.00 -9.48
C GLN A 357 -11.38 31.01 -8.87
N HIS A 358 -11.19 32.14 -9.55
CA HIS A 358 -10.38 33.21 -9.00
C HIS A 358 -11.03 34.57 -9.23
N ILE A 359 -10.77 35.49 -8.30
CA ILE A 359 -11.22 36.87 -8.36
C ILE A 359 -9.97 37.73 -8.46
N PRO A 360 -9.84 38.48 -9.56
CA PRO A 360 -8.66 39.33 -9.74
C PRO A 360 -8.60 40.43 -8.70
N PRO A 361 -7.41 40.93 -8.40
CA PRO A 361 -7.29 42.09 -7.52
C PRO A 361 -8.00 43.29 -8.11
N GLN A 362 -8.61 44.07 -7.22
CA GLN A 362 -9.37 45.25 -7.65
C GLN A 362 -8.47 46.25 -8.34
N LYS A 363 -8.94 46.79 -9.46
CA LYS A 363 -8.18 47.74 -10.27
C LYS A 363 -7.83 49.01 -9.51
N ALA A 364 -8.55 49.31 -8.43
CA ALA A 364 -8.38 50.58 -7.74
C ALA A 364 -7.11 50.59 -6.87
N THR A 365 -6.56 49.41 -6.58
CA THR A 365 -5.47 49.35 -5.61
C THR A 365 -4.11 49.38 -6.30
N THR A 366 -3.27 50.31 -5.84
CA THR A 366 -1.89 50.46 -6.31
C THR A 366 -1.07 49.21 -6.02
N GLY A 367 -0.51 48.61 -7.06
CA GLY A 367 0.46 47.55 -6.85
C GLY A 367 0.54 46.63 -8.05
N LEU A 368 1.26 45.54 -7.86
CA LEU A 368 1.59 44.61 -8.94
C LEU A 368 0.31 43.97 -9.49
N LYS A 369 0.18 43.97 -10.81
CA LYS A 369 -0.90 43.27 -11.49
C LYS A 369 -0.30 42.35 -12.55
N PRO A 370 -0.67 41.07 -12.57
CA PRO A 370 -0.17 40.16 -13.60
C PRO A 370 -0.92 40.33 -14.92
N VAL A 371 -0.25 39.92 -15.99
CA VAL A 371 -0.80 40.09 -17.33
C VAL A 371 -2.00 39.18 -17.52
N ASP A 372 -1.98 37.99 -16.90
CA ASP A 372 -3.08 37.05 -17.05
C ASP A 372 -4.23 37.33 -16.10
N SER A 373 -4.14 38.38 -15.28
CA SER A 373 -5.09 38.70 -14.22
C SER A 373 -5.22 37.61 -13.17
N GLY A 374 -4.20 36.78 -12.98
CA GLY A 374 -4.21 35.87 -11.85
C GLY A 374 -4.04 36.60 -10.52
N CYS A 375 -4.09 35.83 -9.44
CA CYS A 375 -3.72 36.34 -8.14
C CYS A 375 -2.21 36.33 -7.93
N VAL A 376 -1.69 37.37 -7.26
CA VAL A 376 -0.26 37.39 -6.98
C VAL A 376 -0.02 36.67 -5.66
N ALA A 377 0.89 35.70 -5.69
CA ALA A 377 1.20 34.90 -4.51
C ALA A 377 2.71 34.72 -4.38
N TYR A 378 3.16 34.52 -3.14
CA TYR A 378 4.58 34.30 -2.83
C TYR A 378 4.83 32.81 -2.58
N VAL A 379 5.86 32.26 -3.22
CA VAL A 379 6.17 30.84 -3.11
C VAL A 379 6.86 30.54 -1.77
N LEU A 380 6.22 29.69 -0.97
CA LEU A 380 6.74 29.31 0.34
C LEU A 380 7.65 28.09 0.25
N ARG A 381 7.20 27.02 -0.41
CA ARG A 381 7.94 25.78 -0.48
C ARG A 381 7.81 25.22 -1.89
N THR A 382 8.88 24.58 -2.35
CA THR A 382 8.91 24.06 -3.71
C THR A 382 9.30 22.58 -3.70
N GLY A 383 9.01 21.92 -4.82
CA GLY A 383 9.38 20.56 -5.10
C GLY A 383 8.82 19.53 -4.14
N PHE A 384 9.66 18.57 -3.78
CA PHE A 384 9.34 17.46 -2.89
C PHE A 384 9.10 17.85 -1.43
N ASN A 385 9.30 19.12 -1.06
CA ASN A 385 9.00 19.51 0.30
C ASN A 385 7.56 19.96 0.49
N THR A 386 6.82 20.21 -0.58
CA THR A 386 5.38 20.45 -0.47
C THR A 386 4.65 19.22 0.06
N SER A 387 3.41 19.43 0.46
CA SER A 387 2.57 18.34 0.97
C SER A 387 2.36 17.28 -0.10
N GLN A 388 2.15 17.70 -1.35
CA GLN A 388 2.14 16.74 -2.45
C GLN A 388 3.50 16.06 -2.55
N GLY A 389 4.58 16.82 -2.43
CA GLY A 389 5.91 16.24 -2.48
C GLY A 389 6.13 15.22 -1.37
N LYS A 390 5.63 15.52 -0.17
CA LYS A 390 5.68 14.55 0.93
C LYS A 390 4.89 13.28 0.58
N LEU A 391 3.71 13.42 0.00
CA LEU A 391 2.95 12.25 -0.46
C LEU A 391 3.76 11.44 -1.47
N LEU A 392 4.28 12.11 -2.50
CA LEU A 392 5.10 11.52 -3.55
C LEU A 392 6.33 10.80 -3.00
N ARG A 393 6.96 11.35 -1.96
CA ARG A 393 8.11 10.66 -1.36
C ARG A 393 7.67 9.33 -0.76
N THR A 394 6.53 9.32 -0.06
CA THR A 394 5.94 8.09 0.43
C THR A 394 5.60 7.15 -0.71
N ILE A 395 5.18 7.70 -1.85
CA ILE A 395 4.88 6.87 -3.02
C ILE A 395 6.14 6.17 -3.52
N LEU A 396 7.26 6.90 -3.64
CA LEU A 396 8.42 6.26 -4.24
C LEU A 396 9.07 5.29 -3.26
N PHE A 397 9.20 5.67 -1.98
CA PHE A 397 10.01 4.85 -1.08
C PHE A 397 9.50 5.02 0.35
N GLY A 398 8.51 4.21 0.72
CA GLY A 398 7.86 4.42 1.99
C GLY A 398 7.47 3.12 2.65
N VAL A 399 7.61 2.02 1.91
CA VAL A 399 7.46 0.66 2.43
C VAL A 399 8.44 -0.23 1.71
N LYS A 400 9.02 -1.18 2.46
CA LYS A 400 9.84 -2.21 1.84
C LYS A 400 9.00 -3.01 0.85
N ARG A 401 9.52 -3.14 -0.37
CA ARG A 401 8.88 -4.02 -1.34
C ARG A 401 8.80 -5.43 -0.77
N VAL A 402 7.59 -5.98 -0.76
CA VAL A 402 7.40 -7.35 -0.33
C VAL A 402 8.01 -8.31 -1.34
N THR A 403 8.93 -9.13 -0.83
CA THR A 403 9.62 -10.19 -1.54
C THR A 403 9.11 -11.54 -1.07
N ALA A 404 9.47 -12.56 -1.83
CA ALA A 404 9.22 -13.95 -1.49
C ALA A 404 9.99 -14.37 -0.24
N ASN A 405 10.98 -13.56 0.16
CA ASN A 405 11.89 -13.88 1.25
C ASN A 405 11.25 -13.55 2.60
N ASN A 406 10.15 -14.21 2.94
CA ASN A 406 9.47 -14.00 4.21
C ASN A 406 10.21 -14.71 5.33
N LEU A 407 10.14 -14.13 6.52
CA LEU A 407 10.63 -14.80 7.73
C LEU A 407 10.07 -16.20 7.89
N GLU A 408 8.79 -16.41 7.55
CA GLU A 408 8.22 -17.75 7.60
C GLU A 408 8.96 -18.72 6.68
N THR A 409 9.23 -18.32 5.45
CA THR A 409 9.98 -19.19 4.54
C THR A 409 11.39 -19.50 5.06
N PHE A 410 12.07 -18.49 5.63
CA PHE A 410 13.41 -18.72 6.16
C PHE A 410 13.41 -19.64 7.38
N ILE A 411 12.48 -19.45 8.31
CA ILE A 411 12.36 -20.37 9.44
C ILE A 411 11.99 -21.77 8.97
N PHE A 412 11.16 -21.88 7.93
CA PHE A 412 10.76 -23.18 7.40
C PHE A 412 11.95 -23.92 6.83
N ILE A 413 12.77 -23.21 6.05
CA ILE A 413 14.01 -23.77 5.54
C ILE A 413 14.96 -24.15 6.68
N LEU A 414 15.09 -23.29 7.70
CA LEU A 414 15.95 -23.64 8.83
C LEU A 414 15.49 -24.91 9.55
N PHE A 415 14.18 -25.08 9.69
CA PHE A 415 13.62 -26.30 10.27
C PHE A 415 13.93 -27.53 9.40
N LEU A 416 13.73 -27.41 8.10
CA LEU A 416 14.06 -28.56 7.29
C LEU A 416 15.58 -28.77 7.31
N LEU A 417 16.35 -27.70 7.34
CA LEU A 417 17.80 -27.85 7.42
C LEU A 417 18.27 -28.52 8.70
N VAL A 418 17.60 -28.30 9.84
CA VAL A 418 17.98 -29.04 11.05
C VAL A 418 17.80 -30.53 10.81
N PHE A 419 16.68 -30.89 10.18
CA PHE A 419 16.44 -32.31 9.91
C PHE A 419 17.41 -32.86 8.87
N ALA A 420 17.73 -32.07 7.84
CA ALA A 420 18.70 -32.49 6.84
C ALA A 420 20.11 -32.57 7.40
N ILE A 421 20.45 -31.69 8.34
CA ILE A 421 21.70 -31.82 9.07
C ILE A 421 21.76 -33.14 9.84
N ALA A 422 20.65 -33.52 10.49
CA ALA A 422 20.63 -34.82 11.17
C ALA A 422 20.80 -35.97 10.20
N ALA A 423 20.12 -35.92 9.05
CA ALA A 423 20.26 -36.96 8.03
C ALA A 423 21.67 -37.03 7.45
N ALA A 424 22.24 -35.87 7.12
CA ALA A 424 23.61 -35.81 6.61
C ALA A 424 24.62 -36.27 7.64
N ALA A 425 24.42 -35.92 8.91
CA ALA A 425 25.30 -36.42 9.95
C ALA A 425 25.22 -37.94 10.08
N TYR A 426 24.01 -38.50 9.95
CA TYR A 426 23.90 -39.96 9.95
C TYR A 426 24.64 -40.62 8.78
N VAL A 427 24.44 -40.09 7.57
CA VAL A 427 25.17 -40.63 6.42
C VAL A 427 26.68 -40.47 6.58
N TRP A 428 27.12 -39.33 7.11
CA TRP A 428 28.54 -39.12 7.36
C TRP A 428 29.11 -40.08 8.38
N ILE A 429 28.41 -40.27 9.51
CA ILE A 429 28.92 -41.15 10.57
C ILE A 429 28.99 -42.59 10.09
N GLU A 430 27.95 -43.08 9.40
CA GLU A 430 28.02 -44.47 8.98
C GLU A 430 29.00 -44.64 7.83
N GLY A 431 29.05 -43.71 6.89
CA GLY A 431 30.02 -43.82 5.82
C GLY A 431 31.45 -43.67 6.32
N THR A 432 31.61 -43.02 7.47
CA THR A 432 32.95 -42.97 8.05
C THR A 432 33.25 -44.22 8.89
N LYS A 433 32.23 -45.02 9.22
CA LYS A 433 32.54 -46.31 9.86
C LYS A 433 33.21 -47.29 8.90
N ASP A 434 32.90 -47.22 7.61
CA ASP A 434 33.57 -48.09 6.65
C ASP A 434 34.84 -47.45 6.09
N PRO A 435 36.01 -47.91 6.51
CA PRO A 435 37.28 -47.30 6.09
C PRO A 435 37.62 -47.44 4.61
N SER A 436 36.93 -48.31 3.88
CA SER A 436 37.20 -48.47 2.46
C SER A 436 36.66 -47.34 1.61
N ARG A 437 35.69 -46.56 2.10
CA ARG A 437 35.05 -45.54 1.26
C ARG A 437 36.00 -44.38 0.98
N ASN A 438 36.08 -44.01 -0.29
CA ASN A 438 36.76 -42.80 -0.76
C ASN A 438 36.03 -41.59 -0.20
N ARG A 439 36.76 -40.79 0.58
CA ARG A 439 36.23 -39.62 1.24
C ARG A 439 35.62 -38.60 0.28
N TYR A 440 36.11 -38.54 -0.96
CA TYR A 440 35.50 -37.64 -1.93
C TYR A 440 34.05 -38.00 -2.22
N LYS A 441 33.78 -39.28 -2.54
CA LYS A 441 32.39 -39.68 -2.77
C LYS A 441 31.50 -39.51 -1.55
N LEU A 442 31.97 -39.86 -0.36
CA LEU A 442 31.16 -39.63 0.84
C LEU A 442 30.83 -38.15 1.03
N PHE A 443 31.79 -37.26 0.78
CA PHE A 443 31.47 -35.83 0.85
C PHE A 443 30.50 -35.40 -0.23
N LEU A 444 30.67 -35.91 -1.45
CA LEU A 444 29.74 -35.65 -2.53
C LEU A 444 28.32 -36.13 -2.21
N GLU A 445 28.19 -37.38 -1.75
CA GLU A 445 26.89 -37.91 -1.36
C GLU A 445 26.22 -37.07 -0.27
N CYS A 446 26.97 -36.71 0.77
CA CYS A 446 26.42 -35.83 1.80
C CYS A 446 25.99 -34.48 1.26
N THR A 447 26.78 -33.90 0.34
CA THR A 447 26.39 -32.61 -0.23
C THR A 447 25.16 -32.71 -1.11
N LEU A 448 25.05 -33.76 -1.93
CA LEU A 448 23.85 -33.97 -2.74
C LEU A 448 22.61 -34.21 -1.88
N ILE A 449 22.74 -34.97 -0.79
CA ILE A 449 21.62 -35.13 0.12
C ILE A 449 21.19 -33.78 0.69
N LEU A 450 22.16 -32.96 1.11
CA LEU A 450 21.84 -31.65 1.66
C LEU A 450 21.19 -30.73 0.61
N THR A 451 21.68 -30.74 -0.62
CA THR A 451 21.10 -29.85 -1.63
C THR A 451 19.78 -30.35 -2.21
N SER A 452 19.54 -31.66 -2.24
CA SER A 452 18.25 -32.13 -2.74
C SER A 452 17.15 -32.19 -1.69
N VAL A 453 17.51 -32.30 -0.41
CA VAL A 453 16.47 -32.28 0.63
C VAL A 453 15.76 -30.93 0.63
N VAL A 454 16.45 -29.88 0.23
CA VAL A 454 15.97 -28.51 0.16
C VAL A 454 15.75 -28.24 -1.33
N PRO A 455 14.58 -28.52 -1.89
CA PRO A 455 14.41 -28.37 -3.33
C PRO A 455 14.48 -26.92 -3.79
N PRO A 456 15.09 -26.70 -4.95
CA PRO A 456 15.18 -25.34 -5.53
C PRO A 456 13.85 -24.73 -5.93
N GLU A 457 12.82 -25.54 -6.14
CA GLU A 457 11.52 -25.09 -6.63
C GLU A 457 10.65 -24.33 -5.64
N LEU A 458 10.89 -24.41 -4.34
CA LEU A 458 9.94 -23.84 -3.39
C LEU A 458 9.58 -22.39 -3.71
N PRO A 459 10.52 -21.46 -3.92
CA PRO A 459 10.09 -20.09 -4.22
C PRO A 459 9.50 -19.94 -5.61
N ILE A 460 10.00 -20.73 -6.57
CA ILE A 460 9.44 -20.67 -7.92
C ILE A 460 8.01 -21.15 -7.85
N GLU A 461 7.79 -22.28 -7.16
CA GLU A 461 6.45 -22.84 -6.96
C GLU A 461 5.53 -21.81 -6.34
N LEU A 462 5.95 -21.18 -5.24
CA LEU A 462 5.13 -20.17 -4.57
C LEU A 462 4.82 -19.00 -5.51
N SER A 463 5.79 -18.60 -6.33
CA SER A 463 5.57 -17.51 -7.27
C SER A 463 4.61 -17.92 -8.37
N LEU A 464 4.68 -19.18 -8.82
CA LEU A 464 3.74 -19.69 -9.81
C LEU A 464 2.33 -19.75 -9.25
N ALA A 465 2.18 -20.16 -7.98
CA ALA A 465 0.87 -20.15 -7.32
C ALA A 465 0.31 -18.74 -7.24
N VAL A 466 1.16 -17.78 -6.88
CA VAL A 466 0.74 -16.38 -6.81
C VAL A 466 0.38 -15.89 -8.20
N ASN A 467 1.18 -16.23 -9.21
CA ASN A 467 0.91 -15.80 -10.59
C ASN A 467 -0.40 -16.39 -11.10
N THR A 468 -0.72 -17.63 -10.74
CA THR A 468 -2.01 -18.20 -11.11
C THR A 468 -3.15 -17.41 -10.45
N SER A 469 -2.96 -17.03 -9.18
CA SER A 469 -3.99 -16.20 -8.55
C SER A 469 -4.06 -14.81 -9.22
N LEU A 470 -2.92 -14.32 -9.71
CA LEU A 470 -2.87 -13.09 -10.49
C LEU A 470 -3.65 -13.20 -11.79
N ILE A 471 -3.49 -14.31 -12.51
CA ILE A 471 -4.24 -14.52 -13.74
C ILE A 471 -5.74 -14.59 -13.43
N ALA A 472 -6.11 -15.24 -12.32
CA ALA A 472 -7.51 -15.31 -11.94
C ALA A 472 -8.08 -13.92 -11.63
N LEU A 473 -7.29 -13.10 -10.93
CA LEU A 473 -7.66 -11.71 -10.66
C LEU A 473 -7.74 -10.82 -11.91
N ALA A 474 -6.84 -10.99 -12.86
CA ALA A 474 -6.86 -10.22 -14.09
C ALA A 474 -8.18 -10.38 -14.84
N LYS A 475 -8.75 -11.59 -14.83
CA LYS A 475 -10.07 -11.79 -15.41
C LYS A 475 -11.17 -11.02 -14.68
N LEU A 476 -10.97 -10.62 -13.43
CA LEU A 476 -11.97 -9.79 -12.77
C LEU A 476 -11.69 -8.28 -12.87
N TYR A 477 -10.85 -7.89 -13.82
CA TYR A 477 -10.46 -6.49 -14.07
C TYR A 477 -9.76 -5.81 -12.88
N MET A 478 -9.19 -6.59 -11.97
CA MET A 478 -8.41 -6.02 -10.89
C MET A 478 -6.94 -6.21 -11.23
N TYR A 479 -6.18 -5.12 -11.33
CA TYR A 479 -4.74 -5.21 -11.52
C TYR A 479 -4.03 -5.18 -10.18
N CYS A 480 -3.00 -6.01 -10.05
CA CYS A 480 -2.15 -6.08 -8.88
C CYS A 480 -0.70 -5.82 -9.24
N THR A 481 -0.10 -4.80 -8.63
CA THR A 481 1.30 -4.46 -8.85
C THR A 481 2.24 -5.25 -7.95
N GLU A 482 1.80 -5.62 -6.75
CA GLU A 482 2.67 -6.36 -5.84
C GLU A 482 2.03 -7.70 -5.48
N PRO A 483 2.23 -8.73 -6.30
CA PRO A 483 1.47 -9.98 -6.14
C PRO A 483 1.67 -10.68 -4.79
N PHE A 484 2.88 -10.63 -4.22
CA PHE A 484 3.18 -11.26 -2.93
C PHE A 484 2.44 -10.66 -1.75
N ARG A 485 1.66 -9.60 -1.93
CA ARG A 485 0.77 -9.13 -0.87
C ARG A 485 -0.55 -9.89 -0.82
N ILE A 486 -0.87 -10.67 -1.85
CA ILE A 486 -2.10 -11.45 -1.89
C ILE A 486 -2.26 -12.38 -0.69
N PRO A 487 -1.25 -13.14 -0.21
CA PRO A 487 -1.51 -13.97 0.98
C PRO A 487 -1.90 -13.17 2.21
N PHE A 488 -1.44 -11.93 2.33
CA PHE A 488 -1.86 -11.10 3.45
C PHE A 488 -3.34 -10.75 3.38
N ALA A 489 -3.91 -10.70 2.17
CA ALA A 489 -5.36 -10.54 2.05
C ALA A 489 -6.11 -11.69 2.68
N GLY A 490 -5.49 -12.87 2.78
CA GLY A 490 -6.10 -13.94 3.55
C GLY A 490 -6.06 -13.71 5.06
N LYS A 491 -5.14 -12.87 5.51
CA LYS A 491 -4.95 -12.61 6.94
C LYS A 491 -5.61 -11.34 7.42
N VAL A 492 -6.19 -10.53 6.52
CA VAL A 492 -6.75 -9.24 6.91
C VAL A 492 -7.75 -9.41 8.04
N GLU A 493 -7.60 -8.60 9.08
CA GLU A 493 -8.48 -8.56 10.22
C GLU A 493 -9.31 -7.28 10.29
N VAL A 494 -8.73 -6.15 9.93
CA VAL A 494 -9.37 -4.84 10.02
C VAL A 494 -9.38 -4.24 8.62
N CYS A 495 -10.57 -3.84 8.17
CA CYS A 495 -10.78 -3.15 6.90
C CYS A 495 -11.09 -1.68 7.13
N CYS A 496 -10.16 -0.81 6.74
CA CYS A 496 -10.32 0.62 6.81
C CYS A 496 -10.84 1.17 5.49
N PHE A 497 -11.82 2.08 5.57
CA PHE A 497 -12.43 2.67 4.39
C PHE A 497 -12.42 4.18 4.51
N ASP A 498 -12.06 4.86 3.41
CA ASP A 498 -12.41 6.26 3.19
C ASP A 498 -13.89 6.39 2.82
N LYS A 499 -14.43 7.59 3.03
CA LYS A 499 -15.84 7.86 2.76
C LYS A 499 -16.07 8.38 1.34
N THR A 500 -15.53 9.58 1.06
CA THR A 500 -15.76 10.24 -0.22
C THR A 500 -15.17 9.46 -1.38
N GLY A 501 -15.93 9.42 -2.49
CA GLY A 501 -15.54 8.71 -3.68
C GLY A 501 -15.41 7.21 -3.57
N THR A 502 -15.36 6.66 -2.35
CA THR A 502 -15.29 5.22 -2.16
C THR A 502 -16.66 4.66 -1.81
N LEU A 503 -17.23 5.05 -0.67
CA LEU A 503 -18.55 4.54 -0.31
C LEU A 503 -19.66 5.43 -0.84
N THR A 504 -19.47 6.75 -0.84
CA THR A 504 -20.41 7.66 -1.47
C THR A 504 -19.88 8.09 -2.83
N SER A 505 -20.78 8.52 -3.72
CA SER A 505 -20.35 9.17 -4.94
C SER A 505 -19.80 10.56 -4.66
N ASP A 506 -18.96 11.06 -5.57
CA ASP A 506 -18.53 12.45 -5.50
C ASP A 506 -19.62 13.40 -5.97
N SER A 507 -20.64 12.87 -6.64
CA SER A 507 -21.75 13.67 -7.15
C SER A 507 -22.69 14.07 -6.02
N LEU A 508 -22.81 15.38 -5.80
CA LEU A 508 -23.75 15.91 -4.83
C LEU A 508 -25.13 16.06 -5.46
N VAL A 509 -26.14 15.57 -4.73
CA VAL A 509 -27.54 15.66 -5.12
C VAL A 509 -28.28 16.55 -4.13
N VAL A 510 -28.91 17.59 -4.66
CA VAL A 510 -29.76 18.47 -3.87
C VAL A 510 -31.10 17.78 -3.61
N ARG A 511 -31.38 17.54 -2.33
CA ARG A 511 -32.66 16.98 -1.94
C ARG A 511 -33.77 18.01 -2.01
N GLY A 512 -33.49 19.27 -1.67
CA GLY A 512 -34.54 20.25 -1.72
C GLY A 512 -34.36 21.34 -0.67
N VAL A 513 -35.47 22.00 -0.40
CA VAL A 513 -35.55 23.10 0.56
C VAL A 513 -36.46 22.68 1.70
N ALA A 514 -35.97 22.79 2.93
CA ALA A 514 -36.74 22.49 4.12
C ALA A 514 -37.22 23.77 4.78
N GLY A 515 -38.18 23.61 5.69
CA GLY A 515 -38.76 24.69 6.47
C GLY A 515 -39.73 25.53 5.67
N LEU A 516 -40.15 25.04 4.50
CA LEU A 516 -41.17 25.67 3.68
C LEU A 516 -42.58 25.22 4.04
N ARG A 517 -42.71 23.99 4.53
CA ARG A 517 -44.01 23.50 4.95
C ARG A 517 -44.01 23.23 6.46
N ASP A 518 -45.22 23.17 7.02
CA ASP A 518 -45.37 22.77 8.41
C ASP A 518 -44.81 21.37 8.64
N GLY A 519 -43.76 21.29 9.44
CA GLY A 519 -43.12 20.03 9.74
C GLY A 519 -41.76 19.91 9.08
N LYS A 520 -41.20 18.70 9.17
CA LYS A 520 -39.82 18.45 8.80
C LYS A 520 -39.67 18.16 7.31
N GLU A 521 -40.78 17.88 6.63
CA GLU A 521 -40.76 17.38 5.26
C GLU A 521 -40.00 18.31 4.32
N VAL A 522 -38.98 17.75 3.66
CA VAL A 522 -38.20 18.48 2.67
C VAL A 522 -39.02 18.61 1.37
N THR A 523 -39.43 19.83 1.06
CA THR A 523 -40.17 20.07 -0.16
C THR A 523 -39.25 20.00 -1.37
N PRO A 524 -39.59 19.21 -2.39
CA PRO A 524 -38.74 19.14 -3.59
C PRO A 524 -38.69 20.47 -4.35
N VAL A 525 -37.53 20.72 -4.95
CA VAL A 525 -37.22 21.98 -5.61
C VAL A 525 -38.24 22.31 -6.70
N SER A 526 -38.94 21.30 -7.22
CA SER A 526 -39.99 21.55 -8.20
C SER A 526 -41.20 22.25 -7.60
N SER A 527 -41.35 22.24 -6.28
CA SER A 527 -42.57 22.72 -5.64
C SER A 527 -42.32 23.90 -4.71
N ILE A 528 -41.16 24.54 -4.81
CA ILE A 528 -40.80 25.68 -3.96
C ILE A 528 -41.40 26.97 -4.52
N PRO A 529 -41.64 27.99 -3.67
CA PRO A 529 -42.15 29.28 -4.14
C PRO A 529 -41.26 30.04 -5.13
N VAL A 530 -41.89 30.96 -5.86
CA VAL A 530 -41.19 31.74 -6.89
C VAL A 530 -40.07 32.55 -6.27
N GLU A 531 -40.28 33.05 -5.05
CA GLU A 531 -39.21 33.77 -4.36
C GLU A 531 -38.03 32.86 -4.09
N THR A 532 -38.28 31.59 -3.74
CA THR A 532 -37.18 30.66 -3.57
C THR A 532 -36.45 30.37 -4.89
N HIS A 533 -37.17 30.17 -6.00
CA HIS A 533 -36.48 30.08 -7.29
C HIS A 533 -35.60 31.30 -7.56
N ARG A 534 -36.14 32.50 -7.34
CA ARG A 534 -35.34 33.71 -7.56
C ARG A 534 -34.12 33.76 -6.63
N ALA A 535 -34.28 33.37 -5.37
CA ALA A 535 -33.14 33.36 -4.45
C ALA A 535 -32.05 32.40 -4.89
N LEU A 536 -32.42 31.17 -5.28
CA LEU A 536 -31.42 30.22 -5.75
C LEU A 536 -30.79 30.66 -7.07
N ALA A 537 -31.59 31.24 -7.96
CA ALA A 537 -31.09 31.63 -9.28
C ALA A 537 -30.22 32.88 -9.24
N SER A 538 -30.41 33.77 -8.27
CA SER A 538 -29.57 34.96 -8.25
C SER A 538 -28.39 34.81 -7.28
N CYS A 539 -28.58 34.08 -6.19
CA CYS A 539 -27.56 33.95 -5.15
C CYS A 539 -26.56 32.87 -5.53
N HIS A 540 -25.74 33.17 -6.55
CA HIS A 540 -24.68 32.26 -6.94
C HIS A 540 -23.45 33.01 -7.40
N SER A 541 -22.29 32.34 -7.33
CA SER A 541 -21.03 32.86 -7.84
C SER A 541 -20.60 32.29 -9.19
N LEU A 542 -21.44 31.50 -9.87
CA LEU A 542 -21.10 30.97 -11.19
C LEU A 542 -20.82 32.09 -12.19
N MET A 543 -19.94 31.81 -13.13
CA MET A 543 -19.61 32.65 -14.29
C MET A 543 -19.57 31.83 -15.56
N GLN A 544 -19.87 32.50 -16.68
CA GLN A 544 -19.81 31.92 -18.02
C GLN A 544 -18.49 32.26 -18.69
N LEU A 545 -17.76 31.23 -19.12
CA LEU A 545 -16.55 31.46 -19.90
C LEU A 545 -16.91 31.91 -21.32
N ASP A 546 -15.87 32.35 -22.04
CA ASP A 546 -16.06 32.79 -23.42
C ASP A 546 -16.53 31.66 -24.33
N ASP A 547 -16.16 30.41 -24.00
CA ASP A 547 -16.63 29.25 -24.75
C ASP A 547 -18.02 28.80 -24.34
N GLY A 548 -18.67 29.47 -23.40
CA GLY A 548 -19.98 29.08 -22.94
C GLY A 548 -20.01 28.00 -21.90
N THR A 549 -18.86 27.45 -21.51
CA THR A 549 -18.85 26.43 -20.46
C THR A 549 -19.12 27.06 -19.11
N LEU A 550 -19.92 26.39 -18.27
CA LEU A 550 -20.23 26.85 -16.93
C LEU A 550 -19.17 26.29 -15.97
N VAL A 551 -18.53 27.19 -15.23
CA VAL A 551 -17.39 26.87 -14.36
C VAL A 551 -17.62 27.37 -12.94
N GLY A 552 -17.18 26.58 -11.95
CA GLY A 552 -17.40 26.94 -10.56
C GLY A 552 -17.89 25.81 -9.67
N ASP A 553 -18.10 26.20 -8.41
CA ASP A 553 -18.31 25.29 -7.27
C ASP A 553 -19.33 24.18 -7.56
N PRO A 554 -18.99 22.91 -7.31
CA PRO A 554 -19.95 21.82 -7.54
C PRO A 554 -21.29 22.01 -6.83
N LEU A 555 -21.30 22.58 -5.62
CA LEU A 555 -22.57 22.80 -4.93
C LEU A 555 -23.40 23.78 -5.73
N GLU A 556 -22.75 24.85 -6.19
CA GLU A 556 -23.37 25.86 -7.03
C GLU A 556 -23.77 25.27 -8.38
N LYS A 557 -22.93 24.42 -8.94
CA LYS A 557 -23.26 23.77 -10.19
C LYS A 557 -24.56 22.97 -10.06
N ALA A 558 -24.67 22.21 -8.96
CA ALA A 558 -25.89 21.47 -8.64
C ALA A 558 -27.09 22.38 -8.40
N MET A 559 -26.87 23.50 -7.71
CA MET A 559 -27.95 24.46 -7.50
C MET A 559 -28.49 25.04 -8.80
N LEU A 560 -27.59 25.51 -9.67
CA LEU A 560 -28.04 26.09 -10.94
C LEU A 560 -28.70 25.06 -11.83
N THR A 561 -28.17 23.83 -11.87
CA THR A 561 -28.81 22.80 -12.68
C THR A 561 -30.18 22.41 -12.13
N ALA A 562 -30.30 22.28 -10.81
CA ALA A 562 -31.58 21.92 -10.22
C ALA A 562 -32.65 23.00 -10.38
N VAL A 563 -32.27 24.28 -10.45
CA VAL A 563 -33.31 25.29 -10.62
C VAL A 563 -33.64 25.51 -12.10
N ASP A 564 -32.86 24.89 -12.99
CA ASP A 564 -33.05 25.02 -14.45
C ASP A 564 -32.94 26.46 -14.94
N TRP A 565 -31.96 27.21 -14.43
CA TRP A 565 -31.69 28.55 -14.93
C TRP A 565 -30.35 28.54 -15.67
N THR A 566 -30.21 29.47 -16.62
CA THR A 566 -28.98 29.64 -17.38
C THR A 566 -28.40 31.04 -17.17
N LEU A 567 -27.10 31.07 -16.91
CA LEU A 567 -26.34 32.32 -16.83
C LEU A 567 -25.78 32.64 -18.20
N THR A 568 -25.85 33.92 -18.57
CA THR A 568 -25.24 34.44 -19.78
C THR A 568 -23.92 35.15 -19.46
N LYS A 569 -23.15 35.45 -20.51
CA LYS A 569 -21.90 36.19 -20.39
C LYS A 569 -22.08 37.56 -19.75
N ASP A 570 -23.23 38.20 -19.91
CA ASP A 570 -23.47 39.50 -19.31
C ASP A 570 -23.96 39.40 -17.87
N GLU A 571 -23.72 38.25 -17.22
CA GLU A 571 -24.14 38.00 -15.84
C GLU A 571 -25.65 38.12 -15.68
N LYS A 572 -26.38 37.86 -16.76
CA LYS A 572 -27.83 37.78 -16.71
C LYS A 572 -28.24 36.31 -16.63
N VAL A 573 -29.24 36.01 -15.80
CA VAL A 573 -29.73 34.65 -15.61
C VAL A 573 -31.19 34.58 -16.06
N PHE A 574 -31.47 33.64 -16.97
CA PHE A 574 -32.80 33.43 -17.52
C PHE A 574 -33.29 32.03 -17.22
N PRO A 575 -34.56 31.87 -16.84
CA PRO A 575 -35.11 30.53 -16.65
C PRO A 575 -35.36 29.79 -17.95
N ARG A 576 -35.17 28.46 -17.90
CA ARG A 576 -35.52 27.56 -19.00
C ARG A 576 -36.93 27.03 -18.89
N SER A 577 -37.35 26.62 -17.70
CA SER A 577 -38.63 25.93 -17.50
C SER A 577 -39.72 26.79 -16.86
N ILE A 578 -39.35 27.72 -15.98
CA ILE A 578 -40.36 28.48 -15.24
C ILE A 578 -40.68 29.73 -16.03
N LYS A 579 -41.98 30.02 -16.18
CA LYS A 579 -42.44 31.26 -16.82
C LYS A 579 -42.26 32.44 -15.88
N THR A 580 -41.01 32.66 -15.46
CA THR A 580 -40.64 33.84 -14.70
C THR A 580 -39.75 34.72 -15.55
N GLN A 581 -39.78 36.02 -15.26
CA GLN A 581 -38.89 36.96 -15.95
C GLN A 581 -37.45 36.72 -15.51
N GLY A 582 -36.52 36.93 -16.45
CA GLY A 582 -35.11 36.85 -16.15
C GLY A 582 -34.61 37.90 -15.17
N LEU A 583 -33.52 37.55 -14.50
CA LEU A 583 -32.85 38.42 -13.54
C LEU A 583 -31.52 38.88 -14.14
N LYS A 584 -31.18 40.13 -13.91
CA LYS A 584 -29.83 40.65 -14.18
C LYS A 584 -29.12 40.88 -12.86
N ILE A 585 -27.97 40.22 -12.68
CA ILE A 585 -27.13 40.45 -11.51
C ILE A 585 -26.32 41.72 -11.76
N HIS A 586 -26.30 42.62 -10.76
CA HIS A 586 -25.53 43.85 -10.89
C HIS A 586 -24.30 43.88 -9.98
N GLN A 587 -24.43 43.40 -8.75
CA GLN A 587 -23.31 43.44 -7.82
C GLN A 587 -23.36 42.23 -6.91
N ARG A 588 -22.20 41.60 -6.73
CA ARG A 588 -22.03 40.48 -5.82
C ARG A 588 -21.14 40.88 -4.65
N PHE A 589 -21.65 40.67 -3.43
CA PHE A 589 -20.82 40.71 -2.22
C PHE A 589 -20.48 39.27 -1.87
N HIS A 590 -19.33 38.82 -2.35
CA HIS A 590 -18.85 37.46 -2.21
C HIS A 590 -18.84 37.01 -0.75
N PHE A 591 -18.88 35.68 -0.59
CA PHE A 591 -18.81 35.04 0.71
C PHE A 591 -17.52 35.39 1.42
N ALA A 592 -17.65 36.10 2.54
CA ALA A 592 -16.55 36.38 3.45
C ALA A 592 -16.59 35.43 4.63
N SER A 593 -15.48 34.74 4.86
CA SER A 593 -15.40 33.80 5.99
C SER A 593 -15.69 34.52 7.30
N ALA A 594 -15.21 35.74 7.45
CA ALA A 594 -15.52 36.54 8.63
C ALA A 594 -17.00 36.84 8.75
N LEU A 595 -17.68 37.03 7.60
CA LEU A 595 -19.12 37.30 7.65
C LEU A 595 -19.94 36.03 7.59
N LYS A 596 -19.34 34.90 7.21
CA LYS A 596 -20.06 33.63 7.06
C LYS A 596 -21.30 33.76 6.18
N ARG A 597 -21.30 34.69 5.23
CA ARG A 597 -22.45 34.91 4.37
C ARG A 597 -22.01 35.49 3.04
N MET A 598 -22.91 35.40 2.06
CA MET A 598 -22.75 36.07 0.77
C MET A 598 -24.09 36.67 0.38
N SER A 599 -24.03 37.75 -0.39
CA SER A 599 -25.19 38.49 -0.87
C SER A 599 -25.03 38.86 -2.33
N VAL A 600 -26.16 38.97 -3.03
CA VAL A 600 -26.19 39.34 -4.44
C VAL A 600 -27.30 40.37 -4.63
N LEU A 601 -26.97 41.41 -5.39
CA LEU A 601 -27.93 42.38 -5.91
C LEU A 601 -28.35 41.98 -7.31
N ALA A 602 -29.65 41.70 -7.48
CA ALA A 602 -30.20 41.35 -8.78
C ALA A 602 -31.39 42.24 -9.06
N SER A 603 -31.78 42.35 -10.32
CA SER A 603 -33.00 43.05 -10.69
C SER A 603 -33.84 42.18 -11.61
N TYR A 604 -35.15 42.36 -11.54
CA TYR A 604 -36.06 41.81 -12.52
C TYR A 604 -37.01 42.90 -13.01
N GLU A 605 -37.47 42.76 -14.24
CA GLU A 605 -38.56 43.58 -14.74
C GLU A 605 -39.86 43.07 -14.11
N LYS A 606 -40.73 44.00 -13.74
CA LYS A 606 -42.03 43.58 -13.25
C LYS A 606 -42.92 43.13 -14.40
N LEU A 607 -43.83 42.21 -14.11
CA LEU A 607 -44.79 41.74 -15.11
C LEU A 607 -45.64 42.91 -15.60
N GLY A 608 -45.50 43.25 -16.87
CA GLY A 608 -46.27 44.32 -17.47
C GLY A 608 -45.72 45.72 -17.26
N SER A 609 -44.56 45.86 -16.64
CA SER A 609 -43.88 47.14 -16.55
C SER A 609 -42.42 47.01 -16.96
N THR A 610 -41.91 48.05 -17.62
CA THR A 610 -40.49 48.17 -17.91
C THR A 610 -39.67 48.61 -16.70
N ASP A 611 -40.32 48.85 -15.56
CA ASP A 611 -39.60 49.29 -14.37
C ASP A 611 -38.77 48.15 -13.79
N LEU A 612 -37.47 48.39 -13.62
CA LEU A 612 -36.59 47.46 -12.96
C LEU A 612 -36.82 47.50 -11.46
N CYS A 613 -37.19 46.35 -10.90
CA CYS A 613 -37.28 46.13 -9.46
C CYS A 613 -36.04 45.41 -8.97
N TYR A 614 -35.29 46.05 -8.09
CA TYR A 614 -34.08 45.50 -7.49
C TYR A 614 -34.43 44.68 -6.25
N ILE A 615 -33.73 43.56 -6.10
CA ILE A 615 -33.85 42.60 -5.01
C ILE A 615 -32.46 42.28 -4.47
N ALA A 616 -32.41 42.03 -3.17
CA ALA A 616 -31.25 41.45 -2.48
C ALA A 616 -31.52 40.00 -2.10
N ALA A 617 -30.63 39.10 -2.53
CA ALA A 617 -30.67 37.70 -2.15
C ALA A 617 -29.45 37.37 -1.30
N VAL A 618 -29.67 36.72 -0.15
CA VAL A 618 -28.62 36.44 0.82
C VAL A 618 -28.63 34.94 1.13
N LYS A 619 -27.44 34.35 1.24
CA LYS A 619 -27.25 33.00 1.74
C LYS A 619 -26.07 32.96 2.70
N GLY A 620 -26.11 32.05 3.66
CA GLY A 620 -25.04 32.00 4.64
C GLY A 620 -25.29 30.95 5.71
N ALA A 621 -24.40 30.96 6.70
CA ALA A 621 -24.51 30.05 7.84
C ALA A 621 -25.80 30.27 8.63
N PRO A 622 -26.53 29.20 8.94
CA PRO A 622 -27.79 29.34 9.69
C PRO A 622 -27.67 30.10 11.01
N GLU A 623 -26.58 29.91 11.74
CA GLU A 623 -26.38 30.61 13.01
C GLU A 623 -26.24 32.12 12.79
N THR A 624 -25.73 32.52 11.64
CA THR A 624 -25.52 33.94 11.38
C THR A 624 -26.82 34.58 10.88
N LEU A 625 -27.56 33.88 10.02
CA LEU A 625 -28.77 34.53 9.55
C LEU A 625 -29.82 34.50 10.63
N HIS A 626 -29.70 33.57 11.60
CA HIS A 626 -30.65 33.57 12.69
C HIS A 626 -30.69 34.96 13.33
N SER A 627 -29.50 35.51 13.58
CA SER A 627 -29.42 36.84 14.16
C SER A 627 -29.68 37.89 13.09
N MET A 628 -29.72 37.46 11.82
CA MET A 628 -29.91 38.46 10.77
C MET A 628 -31.35 38.47 10.27
N PHE A 629 -32.15 37.46 10.61
CA PHE A 629 -33.54 37.46 10.20
C PHE A 629 -34.39 38.39 11.06
N SER A 630 -35.26 39.15 10.40
CA SER A 630 -36.24 40.03 11.04
C SER A 630 -37.42 39.23 11.60
N GLN A 631 -37.80 38.14 10.94
CA GLN A 631 -38.84 37.24 11.42
C GLN A 631 -38.31 35.81 11.26
N CYS A 632 -38.13 35.13 12.39
CA CYS A 632 -37.61 33.77 12.38
C CYS A 632 -38.63 32.77 12.90
N PRO A 633 -38.82 31.65 12.21
CA PRO A 633 -39.69 30.59 12.73
C PRO A 633 -39.21 30.11 14.09
N PRO A 634 -40.14 29.75 14.99
CA PRO A 634 -39.73 29.24 16.31
C PRO A 634 -38.90 27.97 16.27
N ASP A 635 -39.16 27.07 15.32
CA ASP A 635 -38.45 25.79 15.20
C ASP A 635 -37.14 25.90 14.45
N TYR A 636 -36.69 27.12 14.14
CA TYR A 636 -35.49 27.34 13.33
C TYR A 636 -34.30 26.55 13.87
N HIS A 637 -34.04 26.65 15.17
CA HIS A 637 -32.91 25.94 15.75
C HIS A 637 -33.15 24.44 15.76
N HIS A 638 -34.39 24.01 15.99
CA HIS A 638 -34.69 22.59 15.99
C HIS A 638 -34.47 22.01 14.60
N ILE A 639 -35.09 22.62 13.59
CA ILE A 639 -34.93 22.17 12.21
C ILE A 639 -33.45 22.16 11.80
N HIS A 640 -32.74 23.24 12.09
CA HIS A 640 -31.31 23.31 11.76
C HIS A 640 -30.52 22.19 12.42
N THR A 641 -30.74 21.98 13.72
CA THR A 641 -29.99 20.95 14.44
C THR A 641 -30.30 19.56 13.90
N GLU A 642 -31.58 19.29 13.62
CA GLU A 642 -31.97 17.98 13.13
C GLU A 642 -31.43 17.71 11.73
N ILE A 643 -31.50 18.70 10.83
CA ILE A 643 -30.92 18.49 9.51
C ILE A 643 -29.41 18.35 9.56
N SER A 644 -28.74 19.11 10.42
CA SER A 644 -27.29 18.94 10.57
C SER A 644 -26.96 17.56 11.15
N ARG A 645 -27.84 17.03 11.99
CA ARG A 645 -27.68 15.67 12.49
C ARG A 645 -27.86 14.64 11.38
N GLU A 646 -28.63 14.97 10.34
CA GLU A 646 -28.70 14.04 9.21
C GLU A 646 -27.47 14.09 8.32
N GLY A 647 -26.43 14.82 8.71
CA GLY A 647 -25.22 14.88 7.92
C GLY A 647 -25.33 15.66 6.63
N ALA A 648 -26.40 16.42 6.44
CA ALA A 648 -26.53 17.29 5.29
C ALA A 648 -25.84 18.63 5.52
N ARG A 649 -25.28 19.18 4.44
CA ARG A 649 -24.91 20.59 4.47
C ARG A 649 -26.16 21.45 4.26
N VAL A 650 -26.37 22.37 5.19
CA VAL A 650 -27.54 23.25 5.21
C VAL A 650 -27.08 24.69 5.03
N LEU A 651 -27.67 25.39 4.08
CA LEU A 651 -27.50 26.85 3.99
C LEU A 651 -28.86 27.53 4.16
N ALA A 652 -28.89 28.63 4.92
CA ALA A 652 -30.07 29.48 5.02
C ALA A 652 -30.18 30.41 3.83
N LEU A 653 -31.42 30.63 3.37
CA LEU A 653 -31.70 31.55 2.27
C LEU A 653 -32.48 32.78 2.75
N GLY A 654 -32.02 33.95 2.35
CA GLY A 654 -32.73 35.19 2.63
C GLY A 654 -33.11 35.91 1.35
N TYR A 655 -34.30 36.55 1.36
CA TYR A 655 -34.76 37.30 0.21
C TYR A 655 -35.32 38.65 0.63
N LYS A 656 -34.99 39.68 -0.16
CA LYS A 656 -35.48 41.04 -0.06
C LYS A 656 -35.64 41.73 -1.42
N GLU A 657 -36.80 42.34 -1.59
CA GLU A 657 -37.15 43.15 -2.74
C GLU A 657 -36.76 44.57 -2.35
N LEU A 658 -35.97 45.24 -3.19
CA LEU A 658 -35.51 46.58 -2.83
C LEU A 658 -36.27 47.67 -3.56
N GLY A 659 -37.04 47.30 -4.57
CA GLY A 659 -37.81 48.29 -5.34
C GLY A 659 -36.96 49.10 -6.29
N HIS A 660 -37.23 50.40 -6.37
CA HIS A 660 -36.51 51.29 -7.27
C HIS A 660 -35.30 51.95 -6.62
N LEU A 661 -34.14 51.80 -7.26
CA LEU A 661 -32.91 52.48 -6.91
C LEU A 661 -32.47 53.31 -8.10
N THR A 662 -31.95 54.51 -7.85
CA THR A 662 -31.29 55.25 -8.91
C THR A 662 -30.02 54.48 -9.29
N HIS A 663 -29.58 54.63 -10.54
CA HIS A 663 -28.40 53.91 -11.02
C HIS A 663 -27.11 54.24 -10.25
N GLN A 664 -26.97 55.47 -9.76
CA GLN A 664 -25.82 55.80 -8.93
C GLN A 664 -25.89 55.22 -7.52
N GLN A 665 -27.03 55.42 -6.87
CA GLN A 665 -27.28 54.83 -5.56
C GLN A 665 -27.18 53.32 -5.54
N ALA A 666 -27.71 52.63 -6.56
CA ALA A 666 -27.61 51.17 -6.52
C ALA A 666 -26.17 50.68 -6.49
N ARG A 667 -25.23 51.39 -7.10
CA ARG A 667 -23.86 50.91 -6.91
C ARG A 667 -23.23 51.46 -5.64
N GLU A 668 -23.58 52.68 -5.20
CA GLU A 668 -22.92 53.22 -4.01
C GLU A 668 -23.61 52.86 -2.70
N VAL A 669 -24.93 53.07 -2.61
CA VAL A 669 -25.72 52.73 -1.42
C VAL A 669 -25.70 51.22 -1.11
N LYS A 670 -24.92 50.43 -1.83
CA LYS A 670 -24.81 49.01 -1.47
C LYS A 670 -23.83 48.80 -0.32
N ARG A 671 -22.65 49.41 -0.39
CA ARG A 671 -21.64 49.33 0.66
C ARG A 671 -22.16 49.70 2.03
N GLU A 672 -22.98 50.76 2.13
CA GLU A 672 -23.46 51.24 3.43
C GLU A 672 -24.34 50.24 4.16
N ALA A 673 -25.08 49.39 3.44
CA ALA A 673 -25.93 48.39 4.10
C ALA A 673 -25.91 47.05 3.35
N LEU A 674 -24.99 46.17 3.73
CA LEU A 674 -24.97 44.82 3.18
C LEU A 674 -25.98 43.89 3.85
N GLU A 675 -26.16 43.99 5.17
CA GLU A 675 -26.97 43.02 5.90
C GLU A 675 -27.83 43.62 7.00
N CYS A 676 -29.15 43.44 6.88
CA CYS A 676 -30.08 43.94 7.90
C CYS A 676 -31.51 43.55 7.53
N SER A 677 -32.32 43.25 8.56
CA SER A 677 -33.74 42.90 8.40
C SER A 677 -34.01 41.80 7.38
N LEU A 678 -33.26 40.70 7.46
CA LEU A 678 -33.48 39.67 6.45
C LEU A 678 -34.75 38.87 6.74
N LYS A 679 -35.45 38.50 5.66
CA LYS A 679 -36.51 37.50 5.62
C LYS A 679 -35.97 36.07 5.52
N PHE A 680 -36.41 35.20 6.42
CA PHE A 680 -36.12 33.78 6.29
C PHE A 680 -36.85 33.16 5.10
N VAL A 681 -36.10 32.50 4.21
CA VAL A 681 -36.70 31.89 3.02
C VAL A 681 -36.39 30.39 2.92
N GLY A 682 -36.01 29.74 4.01
CA GLY A 682 -35.85 28.30 4.04
C GLY A 682 -34.40 27.86 4.16
N PHE A 683 -34.25 26.55 4.33
CA PHE A 683 -32.95 25.87 4.36
C PHE A 683 -32.72 25.04 3.10
N ILE A 684 -31.67 25.33 2.33
CA ILE A 684 -31.29 24.43 1.25
C ILE A 684 -30.51 23.28 1.88
N VAL A 685 -30.96 22.06 1.59
CA VAL A 685 -30.40 20.82 2.13
C VAL A 685 -29.67 20.04 1.05
N VAL A 686 -28.36 19.84 1.21
CA VAL A 686 -27.62 19.07 0.20
C VAL A 686 -27.00 17.87 0.90
N SER A 687 -27.22 16.69 0.32
CA SER A 687 -26.71 15.40 0.74
C SER A 687 -25.76 14.81 -0.30
N CYS A 688 -24.75 14.07 0.19
CA CYS A 688 -23.99 13.19 -0.70
C CYS A 688 -24.57 11.78 -0.58
N PRO A 689 -25.19 11.26 -1.64
CA PRO A 689 -25.75 9.91 -1.59
C PRO A 689 -24.73 8.78 -1.48
N LEU A 690 -25.17 7.71 -0.83
CA LEU A 690 -24.44 6.45 -0.79
C LEU A 690 -24.43 5.77 -2.16
N LYS A 691 -23.34 5.08 -2.49
CA LYS A 691 -23.34 4.20 -3.64
C LYS A 691 -24.28 3.01 -3.43
N ALA A 692 -24.88 2.55 -4.53
CA ALA A 692 -25.91 1.51 -4.47
C ALA A 692 -25.39 0.17 -3.96
N ASP A 693 -24.11 -0.12 -4.20
CA ASP A 693 -23.50 -1.38 -3.79
C ASP A 693 -22.91 -1.38 -2.38
N SER A 694 -22.58 -0.21 -1.85
CA SER A 694 -21.86 -0.09 -0.58
C SER A 694 -22.48 -0.93 0.55
N LYS A 695 -23.80 -0.84 0.74
CA LYS A 695 -24.43 -1.55 1.85
C LYS A 695 -24.32 -3.07 1.73
N ALA A 696 -24.43 -3.60 0.51
CA ALA A 696 -24.36 -5.05 0.36
C ALA A 696 -22.94 -5.56 0.58
N VAL A 697 -21.94 -4.86 0.04
CA VAL A 697 -20.56 -5.29 0.20
C VAL A 697 -20.13 -5.16 1.66
N ILE A 698 -20.45 -4.04 2.30
CA ILE A 698 -20.12 -3.86 3.71
C ILE A 698 -20.79 -4.93 4.57
N ARG A 699 -22.04 -5.29 4.28
CA ARG A 699 -22.68 -6.39 4.99
C ARG A 699 -21.95 -7.71 4.77
N GLU A 700 -21.50 -7.98 3.54
CA GLU A 700 -20.70 -9.18 3.30
C GLU A 700 -19.40 -9.19 4.11
N ILE A 701 -18.72 -8.04 4.19
CA ILE A 701 -17.47 -7.97 4.96
C ILE A 701 -17.72 -8.17 6.45
N GLN A 702 -18.75 -7.53 6.99
CA GLN A 702 -19.09 -7.73 8.40
C GLN A 702 -19.48 -9.18 8.68
N ASN A 703 -20.29 -9.78 7.81
CA ASN A 703 -20.68 -11.18 7.88
C ASN A 703 -19.48 -12.13 7.81
N ALA A 704 -18.39 -11.75 7.14
CA ALA A 704 -17.18 -12.55 7.10
C ALA A 704 -16.33 -12.43 8.37
N SER A 705 -16.89 -11.86 9.44
CA SER A 705 -16.21 -11.70 10.73
C SER A 705 -14.99 -10.79 10.65
N HIS A 706 -15.07 -9.74 9.84
CA HIS A 706 -14.05 -8.71 9.81
C HIS A 706 -14.56 -7.48 10.55
N ARG A 707 -13.67 -6.82 11.29
CA ARG A 707 -13.98 -5.57 11.95
C ARG A 707 -13.89 -4.44 10.92
N VAL A 708 -14.92 -3.61 10.87
CA VAL A 708 -14.96 -2.44 10.00
C VAL A 708 -14.69 -1.18 10.80
N VAL A 709 -13.82 -0.33 10.27
CA VAL A 709 -13.45 0.94 10.88
C VAL A 709 -13.49 1.99 9.79
N MET A 710 -14.01 3.17 10.12
CA MET A 710 -14.02 4.29 9.17
C MET A 710 -12.93 5.30 9.52
N ILE A 711 -12.15 5.69 8.50
CA ILE A 711 -11.12 6.73 8.63
C ILE A 711 -11.31 7.74 7.51
N THR A 712 -11.84 8.92 7.83
CA THR A 712 -12.15 9.86 6.77
C THR A 712 -11.71 11.26 7.19
N GLY A 713 -11.43 12.12 6.20
CA GLY A 713 -11.18 13.54 6.38
C GLY A 713 -12.39 14.44 6.46
N ASP A 714 -13.58 13.92 6.18
CA ASP A 714 -14.83 14.67 6.15
C ASP A 714 -15.26 15.10 7.56
N ASN A 715 -16.24 15.99 7.61
CA ASN A 715 -16.82 16.42 8.88
C ASN A 715 -17.35 15.24 9.67
N PRO A 716 -17.09 15.20 10.99
CA PRO A 716 -17.59 14.11 11.84
C PRO A 716 -19.10 13.86 11.83
N LEU A 717 -19.96 14.88 11.76
CA LEU A 717 -21.39 14.60 11.77
C LEU A 717 -21.90 13.82 10.57
N THR A 718 -21.53 14.28 9.38
CA THR A 718 -21.88 13.59 8.14
C THR A 718 -21.23 12.21 8.04
N ALA A 719 -19.95 12.10 8.42
CA ALA A 719 -19.27 10.82 8.40
C ALA A 719 -19.92 9.83 9.36
N CYS A 720 -20.26 10.28 10.57
CA CYS A 720 -20.93 9.40 11.51
C CYS A 720 -22.30 8.97 11.00
N HIS A 721 -23.06 9.88 10.38
CA HIS A 721 -24.34 9.50 9.79
C HIS A 721 -24.19 8.44 8.70
N VAL A 722 -23.30 8.67 7.74
CA VAL A 722 -23.09 7.68 6.69
C VAL A 722 -22.59 6.36 7.25
N ALA A 723 -21.71 6.40 8.25
CA ALA A 723 -21.25 5.17 8.90
C ALA A 723 -22.40 4.43 9.58
N GLN A 724 -23.35 5.17 10.15
CA GLN A 724 -24.54 4.56 10.73
C GLN A 724 -25.41 3.92 9.63
N GLU A 725 -25.58 4.62 8.51
CA GLU A 725 -26.39 4.10 7.41
C GLU A 725 -25.79 2.82 6.85
N LEU A 726 -24.46 2.71 6.85
CA LEU A 726 -23.75 1.52 6.43
C LEU A 726 -23.57 0.50 7.55
N HIS A 727 -24.14 0.75 8.73
CA HIS A 727 -24.02 -0.14 9.89
C HIS A 727 -22.58 -0.32 10.35
N PHE A 728 -21.72 0.69 10.14
CA PHE A 728 -20.45 0.71 10.84
C PHE A 728 -20.68 0.86 12.34
N ILE A 729 -21.77 1.53 12.71
CA ILE A 729 -22.17 1.73 14.10
C ILE A 729 -23.52 1.06 14.29
N GLU A 730 -23.53 -0.04 15.03
CA GLU A 730 -24.77 -0.71 15.39
C GLU A 730 -25.28 -0.28 16.75
N LYS A 731 -24.50 0.51 17.48
CA LYS A 731 -24.84 0.91 18.85
C LYS A 731 -25.79 2.11 18.80
N ALA A 732 -26.59 2.23 19.86
CA ALA A 732 -27.59 3.30 19.96
C ALA A 732 -26.96 4.69 19.99
N HIS A 733 -25.83 4.85 20.67
CA HIS A 733 -25.22 6.16 20.86
C HIS A 733 -23.76 6.19 20.42
N THR A 734 -23.41 7.26 19.70
CA THR A 734 -22.04 7.51 19.28
C THR A 734 -21.49 8.71 20.02
N LEU A 735 -20.33 8.51 20.65
CA LEU A 735 -19.62 9.54 21.39
C LEU A 735 -18.46 10.11 20.57
N ILE A 736 -18.42 11.43 20.46
CA ILE A 736 -17.33 12.13 19.79
C ILE A 736 -16.44 12.71 20.87
N LEU A 737 -15.14 12.38 20.82
CA LEU A 737 -14.19 13.01 21.72
C LEU A 737 -13.86 14.41 21.23
N GLN A 738 -14.18 15.44 22.02
CA GLN A 738 -13.73 16.75 21.64
C GLN A 738 -12.48 17.09 22.46
N PRO A 739 -11.45 17.62 21.81
CA PRO A 739 -10.31 18.20 22.52
C PRO A 739 -10.67 19.49 23.23
N PRO A 740 -9.96 19.84 24.30
CA PRO A 740 -10.24 21.11 24.99
C PRO A 740 -9.86 22.30 24.12
N SER A 741 -10.79 23.25 23.97
CA SER A 741 -10.48 24.46 23.22
C SER A 741 -9.54 25.38 24.01
N GLU A 742 -9.51 25.21 25.34
CA GLU A 742 -8.66 25.98 26.23
C GLU A 742 -7.76 25.03 27.00
N LYS A 743 -6.52 25.47 27.21
CA LYS A 743 -5.55 24.72 27.99
C LYS A 743 -5.94 24.48 29.45
N GLY A 744 -6.27 23.22 29.73
CA GLY A 744 -6.59 22.69 31.06
C GLY A 744 -7.85 21.91 31.37
N ARG A 745 -8.90 21.95 30.56
CA ARG A 745 -9.96 20.99 30.85
C ARG A 745 -9.57 19.66 30.20
N GLN A 746 -10.05 18.57 30.76
CA GLN A 746 -9.87 17.30 30.08
C GLN A 746 -10.76 17.24 28.84
N CYS A 747 -10.35 16.38 27.89
CA CYS A 747 -11.17 16.06 26.73
C CYS A 747 -12.51 15.52 27.18
N GLU A 748 -13.57 15.86 26.43
CA GLU A 748 -14.90 15.35 26.75
C GLU A 748 -15.48 14.47 25.65
N TRP A 749 -16.12 13.38 26.06
CA TRP A 749 -16.99 12.60 25.19
C TRP A 749 -18.34 13.29 25.16
N ARG A 750 -18.84 13.57 23.96
CA ARG A 750 -20.16 14.14 23.75
C ARG A 750 -20.98 13.23 22.84
N SER A 751 -22.22 12.96 23.22
CA SER A 751 -23.11 12.23 22.32
C SER A 751 -23.36 13.00 21.04
N ILE A 752 -23.67 12.25 19.98
CA ILE A 752 -24.09 12.87 18.73
C ILE A 752 -25.27 13.82 19.00
N ASP A 753 -26.16 13.44 19.90
CA ASP A 753 -27.33 14.25 20.25
C ASP A 753 -26.98 15.33 21.26
N GLY A 754 -25.80 15.25 21.88
CA GLY A 754 -25.46 16.12 22.99
C GLY A 754 -26.11 15.76 24.31
N SER A 755 -26.94 14.71 24.33
CA SER A 755 -27.66 14.37 25.56
C SER A 755 -26.72 13.88 26.65
N ILE A 756 -25.64 13.18 26.27
CA ILE A 756 -24.74 12.58 27.25
C ILE A 756 -23.35 13.17 27.05
N VAL A 757 -22.80 13.73 28.12
CA VAL A 757 -21.43 14.22 28.14
C VAL A 757 -20.70 13.52 29.28
N LEU A 758 -19.64 12.81 28.93
CA LEU A 758 -18.83 12.07 29.89
C LEU A 758 -17.38 12.50 29.89
N PRO A 759 -16.76 12.72 31.05
CA PRO A 759 -15.33 12.99 31.08
C PRO A 759 -14.53 11.73 30.70
N LEU A 760 -13.37 11.94 30.10
CA LEU A 760 -12.46 10.84 29.83
C LEU A 760 -11.87 10.31 31.13
N ALA A 761 -11.80 8.98 31.21
CA ALA A 761 -11.17 8.28 32.32
C ALA A 761 -10.07 7.37 31.80
N ARG A 762 -9.04 7.21 32.62
CA ARG A 762 -7.93 6.31 32.34
C ARG A 762 -8.32 4.83 32.44
N GLY A 763 -9.60 4.50 32.45
CA GLY A 763 -10.02 3.12 32.59
C GLY A 763 -9.88 2.39 31.27
N SER A 764 -10.25 1.11 31.29
CA SER A 764 -10.22 0.24 30.11
C SER A 764 -11.23 0.59 29.02
N PRO A 765 -10.78 0.92 27.82
CA PRO A 765 -11.67 1.24 26.71
C PRO A 765 -12.66 0.15 26.32
N LYS A 766 -12.43 -1.11 26.73
CA LYS A 766 -13.41 -2.17 26.46
C LYS A 766 -14.80 -1.87 26.99
N ALA A 767 -14.91 -1.25 28.16
CA ALA A 767 -16.25 -0.99 28.69
C ALA A 767 -17.02 0.02 27.86
N LEU A 768 -16.40 1.17 27.56
CA LEU A 768 -17.02 2.13 26.65
C LEU A 768 -17.26 1.57 25.25
N ALA A 769 -16.28 0.84 24.69
CA ALA A 769 -16.43 0.27 23.36
C ALA A 769 -17.33 -0.96 23.32
N LEU A 770 -17.87 -1.39 24.46
CA LEU A 770 -18.91 -2.40 24.38
C LEU A 770 -20.28 -1.75 24.28
N GLU A 771 -20.52 -0.69 25.04
CA GLU A 771 -21.81 -0.03 25.02
C GLU A 771 -21.94 1.05 23.95
N TYR A 772 -20.88 1.83 23.70
CA TYR A 772 -20.97 2.96 22.77
C TYR A 772 -19.96 2.75 21.65
N ALA A 773 -20.23 3.38 20.50
CA ALA A 773 -19.23 3.54 19.45
C ALA A 773 -18.45 4.84 19.61
N LEU A 774 -17.16 4.79 19.31
CA LEU A 774 -16.25 5.90 19.57
C LEU A 774 -15.75 6.46 18.25
N CYS A 775 -15.85 7.79 18.10
CA CYS A 775 -15.30 8.52 16.97
C CYS A 775 -14.27 9.55 17.42
N LEU A 776 -13.05 9.44 16.90
CA LEU A 776 -11.96 10.37 17.20
C LEU A 776 -11.76 11.32 16.04
N THR A 777 -11.76 12.62 16.33
CA THR A 777 -11.49 13.66 15.35
C THR A 777 -9.99 13.91 15.23
N GLY A 778 -9.58 14.41 14.06
CA GLY A 778 -8.17 14.75 13.85
C GLY A 778 -7.61 15.74 14.84
N ASP A 779 -8.41 16.72 15.26
CA ASP A 779 -7.94 17.63 16.31
C ASP A 779 -7.77 16.88 17.63
N GLY A 780 -8.71 16.01 17.96
CA GLY A 780 -8.59 15.17 19.13
C GLY A 780 -7.42 14.20 19.03
N LEU A 781 -7.17 13.66 17.84
CA LEU A 781 -5.99 12.82 17.64
C LEU A 781 -4.71 13.58 17.90
N ALA A 782 -4.57 14.78 17.32
CA ALA A 782 -3.37 15.58 17.55
C ALA A 782 -3.21 15.96 19.02
N HIS A 783 -4.31 16.29 19.69
CA HIS A 783 -4.25 16.60 21.11
C HIS A 783 -3.81 15.41 21.94
N LEU A 784 -4.36 14.22 21.65
CA LEU A 784 -3.94 13.02 22.37
C LEU A 784 -2.49 12.66 22.06
N GLN A 785 -2.06 12.88 20.81
CA GLN A 785 -0.66 12.65 20.45
C GLN A 785 0.27 13.55 21.24
N ALA A 786 -0.13 14.81 21.46
CA ALA A 786 0.71 15.71 22.25
C ALA A 786 0.64 15.40 23.73
N THR A 787 -0.52 14.94 24.22
CA THR A 787 -0.71 14.82 25.67
C THR A 787 -0.42 13.41 26.17
N ASP A 788 -0.99 12.39 25.54
CA ASP A 788 -0.79 11.03 26.02
C ASP A 788 -0.80 10.02 24.87
N PRO A 789 0.34 9.79 24.22
CA PRO A 789 0.37 8.83 23.11
C PRO A 789 0.06 7.39 23.52
N GLN A 790 0.30 7.02 24.78
CA GLN A 790 0.04 5.65 25.20
C GLN A 790 -1.46 5.41 25.36
N GLN A 791 -2.19 6.38 25.93
CA GLN A 791 -3.64 6.25 25.97
C GLN A 791 -4.22 6.23 24.57
N LEU A 792 -3.68 7.03 23.66
CA LEU A 792 -4.11 7.00 22.27
C LEU A 792 -3.90 5.62 21.65
N LEU A 793 -2.71 5.05 21.82
CA LEU A 793 -2.44 3.71 21.31
C LEU A 793 -3.37 2.66 21.91
N ARG A 794 -3.77 2.83 23.18
CA ARG A 794 -4.73 1.92 23.78
C ARG A 794 -6.15 2.16 23.24
N LEU A 795 -6.46 3.39 22.86
CA LEU A 795 -7.80 3.75 22.40
C LEU A 795 -8.05 3.37 20.94
N ILE A 796 -7.05 3.57 20.08
CA ILE A 796 -7.24 3.35 18.63
C ILE A 796 -7.95 2.05 18.29
N PRO A 797 -7.57 0.89 18.85
CA PRO A 797 -8.26 -0.35 18.46
C PRO A 797 -9.74 -0.37 18.83
N HIS A 798 -10.21 0.52 19.70
CA HIS A 798 -11.59 0.53 20.15
C HIS A 798 -12.44 1.55 19.43
N VAL A 799 -11.80 2.45 18.66
CA VAL A 799 -12.50 3.44 17.86
C VAL A 799 -13.09 2.80 16.61
N GLN A 800 -14.29 3.25 16.24
CA GLN A 800 -14.95 2.80 15.01
C GLN A 800 -14.88 3.82 13.88
N VAL A 801 -14.85 5.11 14.17
CA VAL A 801 -14.82 6.15 13.15
C VAL A 801 -13.68 7.11 13.45
N PHE A 802 -12.82 7.34 12.47
CA PHE A 802 -11.85 8.43 12.49
C PHE A 802 -12.25 9.47 11.47
N ALA A 803 -12.44 10.72 11.93
CA ALA A 803 -12.94 11.79 11.09
C ALA A 803 -12.01 12.98 11.10
N ARG A 804 -12.08 13.78 10.03
CA ARG A 804 -11.17 14.91 9.80
C ARG A 804 -9.71 14.50 9.93
N VAL A 805 -9.38 13.32 9.42
CA VAL A 805 -8.04 12.76 9.55
C VAL A 805 -7.21 13.23 8.36
N ALA A 806 -6.06 13.83 8.63
CA ALA A 806 -5.10 14.18 7.60
C ALA A 806 -4.36 12.94 7.07
N PRO A 807 -3.84 13.01 5.83
CA PRO A 807 -3.11 11.86 5.28
C PRO A 807 -2.04 11.27 6.18
N LYS A 808 -1.20 12.12 6.79
CA LYS A 808 -0.19 11.62 7.72
C LYS A 808 -0.83 10.98 8.94
N GLN A 809 -1.99 11.48 9.38
CA GLN A 809 -2.68 10.83 10.48
C GLN A 809 -3.32 9.52 10.05
N LYS A 810 -3.76 9.42 8.79
CA LYS A 810 -4.20 8.15 8.24
C LYS A 810 -3.07 7.13 8.29
N GLU A 811 -1.88 7.55 7.86
CA GLU A 811 -0.71 6.70 7.98
C GLU A 811 -0.48 6.29 9.43
N PHE A 812 -0.50 7.25 10.36
CA PHE A 812 -0.29 6.93 11.77
C PHE A 812 -1.32 5.93 12.31
N VAL A 813 -2.59 6.07 11.93
CA VAL A 813 -3.60 5.12 12.39
C VAL A 813 -3.33 3.72 11.82
N ILE A 814 -2.98 3.63 10.53
CA ILE A 814 -2.67 2.34 9.94
C ILE A 814 -1.45 1.71 10.60
N THR A 815 -0.39 2.49 10.78
CA THR A 815 0.82 1.97 11.41
C THR A 815 0.56 1.55 12.86
N SER A 816 -0.23 2.33 13.60
CA SER A 816 -0.60 1.94 14.96
C SER A 816 -1.37 0.63 14.98
N LEU A 817 -2.30 0.45 14.03
CA LEU A 817 -3.00 -0.83 13.93
C LEU A 817 -2.05 -1.97 13.62
N LYS A 818 -1.07 -1.74 12.76
CA LYS A 818 -0.06 -2.73 12.42
C LYS A 818 0.82 -3.08 13.62
N GLU A 819 1.21 -2.07 14.42
CA GLU A 819 2.01 -2.31 15.61
C GLU A 819 1.31 -3.22 16.62
N LEU A 820 -0.02 -3.18 16.68
CA LEU A 820 -0.71 -4.13 17.54
C LEU A 820 -0.76 -5.53 16.94
N GLY A 821 -0.22 -5.72 15.74
CA GLY A 821 -0.17 -7.05 15.15
C GLY A 821 -1.40 -7.40 14.36
N TYR A 822 -2.21 -6.40 14.02
CA TYR A 822 -3.35 -6.56 13.12
C TYR A 822 -2.88 -6.46 11.68
N VAL A 823 -3.42 -7.32 10.83
CA VAL A 823 -3.25 -7.20 9.39
C VAL A 823 -4.31 -6.25 8.84
N THR A 824 -3.86 -5.17 8.21
CA THR A 824 -4.75 -4.08 7.83
C THR A 824 -4.99 -4.08 6.32
N LEU A 825 -6.25 -3.85 5.96
CA LEU A 825 -6.68 -3.53 4.61
C LEU A 825 -7.18 -2.10 4.57
N MET A 826 -6.69 -1.34 3.58
CA MET A 826 -7.17 0.00 3.29
C MET A 826 -7.75 0.04 1.89
N CYS A 827 -8.92 0.66 1.73
CA CYS A 827 -9.49 0.90 0.42
C CYS A 827 -9.72 2.38 0.21
N GLY A 828 -9.23 2.90 -0.93
CA GLY A 828 -9.38 4.30 -1.23
C GLY A 828 -9.30 4.69 -2.69
N ASP A 829 -9.84 5.85 -3.04
CA ASP A 829 -9.76 6.32 -4.42
C ASP A 829 -8.84 7.53 -4.51
N GLY A 830 -8.68 8.22 -3.40
CA GLY A 830 -7.97 9.48 -3.33
C GLY A 830 -6.51 9.36 -2.96
N THR A 831 -5.77 10.44 -3.24
CA THR A 831 -4.38 10.57 -2.80
C THR A 831 -4.32 10.68 -1.28
N ASN A 832 -5.43 11.08 -0.66
CA ASN A 832 -5.54 11.12 0.80
C ASN A 832 -5.29 9.75 1.42
N ASP A 833 -5.46 8.69 0.64
CA ASP A 833 -5.22 7.35 1.14
C ASP A 833 -3.82 6.84 0.83
N VAL A 834 -3.03 7.59 0.05
CA VAL A 834 -1.76 7.05 -0.44
C VAL A 834 -0.90 6.56 0.71
N GLY A 835 -0.74 7.38 1.76
CA GLY A 835 0.04 6.92 2.89
C GLY A 835 -0.55 5.68 3.52
N ALA A 836 -1.84 5.69 3.77
CA ALA A 836 -2.48 4.52 4.32
C ALA A 836 -2.43 3.34 3.36
N LEU A 837 -2.66 3.59 2.06
CA LEU A 837 -2.62 2.51 1.07
C LEU A 837 -1.24 1.86 1.03
N LYS A 838 -0.18 2.67 1.03
CA LYS A 838 1.13 2.07 0.98
C LYS A 838 1.42 1.33 2.28
N HIS A 839 1.07 1.94 3.43
CA HIS A 839 1.38 1.31 4.69
C HIS A 839 0.40 0.21 5.10
N ALA A 840 -0.85 0.25 4.65
CA ALA A 840 -1.73 -0.90 4.84
C ALA A 840 -1.12 -2.16 4.27
N ASP A 841 -1.45 -3.30 4.89
CA ASP A 841 -0.98 -4.57 4.33
C ASP A 841 -1.60 -4.84 2.96
N VAL A 842 -2.88 -4.48 2.79
CA VAL A 842 -3.55 -4.60 1.49
C VAL A 842 -4.20 -3.28 1.11
N GLY A 843 -3.52 -2.48 0.30
CA GLY A 843 -4.20 -1.31 -0.25
C GLY A 843 -4.87 -1.54 -1.59
N VAL A 844 -6.16 -1.20 -1.67
CA VAL A 844 -6.96 -1.30 -2.89
C VAL A 844 -7.51 0.07 -3.27
N ALA A 845 -6.99 0.65 -4.34
CA ALA A 845 -7.57 1.87 -4.88
C ALA A 845 -8.71 1.56 -5.85
N LEU A 846 -9.80 2.30 -5.69
CA LEU A 846 -10.92 2.35 -6.63
C LEU A 846 -10.80 3.60 -7.49
N LEU A 847 -11.08 3.50 -8.78
CA LEU A 847 -11.14 4.73 -9.59
C LEU A 847 -12.50 5.37 -9.29
N ALA A 848 -12.49 6.61 -8.81
CA ALA A 848 -13.74 7.35 -8.70
C ALA A 848 -14.38 7.58 -10.07
N ASN A 849 -15.71 7.47 -10.11
CA ASN A 849 -16.49 7.61 -11.36
C ASN A 849 -16.03 6.63 -12.44
N ALA A 850 -16.28 5.34 -12.22
CA ALA A 850 -16.02 4.38 -13.28
C ALA A 850 -17.02 4.58 -14.42
N PRO A 851 -16.64 4.25 -15.66
CA PRO A 851 -17.58 4.29 -16.79
C PRO A 851 -18.73 3.30 -16.64
N VAL A 914 -6.02 8.22 -21.42
CA VAL A 914 -5.85 7.60 -20.12
C VAL A 914 -4.94 8.46 -19.24
N LYS A 915 -5.42 8.81 -18.05
CA LYS A 915 -4.56 9.30 -16.97
C LYS A 915 -4.86 8.53 -15.70
N LEU A 916 -3.79 8.18 -14.98
CA LEU A 916 -3.88 7.46 -13.71
C LEU A 916 -3.67 8.44 -12.57
N GLY A 917 -4.69 8.61 -11.73
CA GLY A 917 -4.51 9.29 -10.46
C GLY A 917 -3.57 8.53 -9.54
N ASP A 918 -2.82 9.32 -8.75
CA ASP A 918 -1.69 8.78 -8.00
C ASP A 918 -2.09 7.64 -7.08
N ALA A 919 -3.31 7.69 -6.54
CA ALA A 919 -3.81 6.58 -5.73
C ALA A 919 -3.83 5.26 -6.49
N SER A 920 -4.13 5.31 -7.79
CA SER A 920 -4.14 4.07 -8.58
C SER A 920 -2.72 3.58 -8.80
N ILE A 921 -1.74 4.42 -8.54
CA ILE A 921 -0.36 4.00 -8.61
C ILE A 921 0.12 3.63 -7.22
N ALA A 922 -0.32 4.37 -6.20
CA ALA A 922 0.10 4.11 -4.82
C ALA A 922 -0.42 2.80 -4.26
N ALA A 923 -1.65 2.41 -4.59
CA ALA A 923 -2.18 1.17 -4.05
C ALA A 923 -1.50 -0.07 -4.66
N PRO A 924 -1.21 -1.07 -3.83
CA PRO A 924 -0.82 -2.39 -4.34
C PRO A 924 -1.80 -2.99 -5.33
N PHE A 925 -3.10 -2.72 -5.14
CA PHE A 925 -4.16 -3.25 -5.98
C PHE A 925 -5.02 -2.11 -6.49
N THR A 926 -5.45 -2.21 -7.75
CA THR A 926 -6.29 -1.20 -8.38
C THR A 926 -7.44 -1.85 -9.12
N SER A 927 -8.66 -1.41 -8.79
CA SER A 927 -9.87 -1.82 -9.48
C SER A 927 -10.15 -0.88 -10.63
N LYS A 928 -10.42 -1.44 -11.81
CA LYS A 928 -10.95 -0.64 -12.91
C LYS A 928 -12.42 -0.33 -12.72
N LEU A 929 -13.07 -0.93 -11.72
CA LEU A 929 -14.46 -0.61 -11.44
C LEU A 929 -14.55 0.24 -10.18
N SER A 930 -15.51 1.17 -10.15
CA SER A 930 -15.75 1.94 -8.93
C SER A 930 -16.52 1.15 -7.89
N SER A 931 -16.85 -0.10 -8.18
CA SER A 931 -17.57 -0.90 -7.20
C SER A 931 -16.61 -1.43 -6.15
N ILE A 932 -17.06 -1.42 -4.89
CA ILE A 932 -16.30 -1.99 -3.80
C ILE A 932 -16.42 -3.51 -3.72
N GLN A 933 -17.26 -4.13 -4.55
CA GLN A 933 -17.35 -5.59 -4.60
C GLN A 933 -16.01 -6.26 -4.88
N CYS A 934 -15.10 -5.58 -5.57
CA CYS A 934 -13.75 -6.09 -5.78
C CYS A 934 -13.07 -6.52 -4.48
N ILE A 935 -13.35 -5.82 -3.39
CA ILE A 935 -12.73 -6.17 -2.11
C ILE A 935 -13.16 -7.56 -1.69
N CYS A 936 -14.45 -7.87 -1.84
CA CYS A 936 -14.94 -9.21 -1.55
C CYS A 936 -14.23 -10.23 -2.42
N HIS A 937 -13.95 -9.87 -3.66
CA HIS A 937 -13.18 -10.76 -4.53
C HIS A 937 -11.76 -10.95 -4.01
N VAL A 938 -11.11 -9.87 -3.59
CA VAL A 938 -9.74 -9.96 -3.07
C VAL A 938 -9.67 -10.86 -1.86
N ILE A 939 -10.64 -10.72 -0.95
CA ILE A 939 -10.64 -11.59 0.22
C ILE A 939 -10.86 -13.02 -0.22
N LYS A 940 -11.82 -13.22 -1.14
CA LYS A 940 -12.04 -14.57 -1.65
C LYS A 940 -10.75 -15.14 -2.21
N GLN A 941 -10.06 -14.36 -3.04
CA GLN A 941 -8.81 -14.84 -3.60
C GLN A 941 -7.71 -14.99 -2.56
N GLY A 942 -7.59 -14.04 -1.65
CA GLY A 942 -6.54 -14.12 -0.63
C GLY A 942 -6.61 -15.32 0.27
N ARG A 943 -7.83 -15.66 0.73
CA ARG A 943 -7.96 -16.87 1.53
C ARG A 943 -7.55 -18.09 0.74
N CYS A 944 -7.97 -18.17 -0.52
CA CYS A 944 -7.51 -19.27 -1.35
C CYS A 944 -6.00 -19.29 -1.41
N THR A 945 -5.38 -18.18 -1.81
CA THR A 945 -3.94 -18.19 -1.90
C THR A 945 -3.26 -18.47 -0.55
N LEU A 946 -3.79 -17.90 0.54
CA LEU A 946 -3.18 -18.14 1.85
C LEU A 946 -3.23 -19.60 2.25
N VAL A 947 -4.37 -20.25 2.02
CA VAL A 947 -4.44 -21.67 2.34
C VAL A 947 -3.55 -22.48 1.41
N THR A 948 -3.56 -22.15 0.12
CA THR A 948 -2.71 -22.87 -0.83
C THR A 948 -1.24 -22.87 -0.45
N THR A 949 -0.68 -21.70 -0.17
CA THR A 949 0.73 -21.69 0.19
C THR A 949 0.97 -22.45 1.48
N LEU A 950 0.11 -22.25 2.48
CA LEU A 950 0.30 -23.00 3.71
C LEU A 950 0.16 -24.50 3.49
N GLN A 951 -0.80 -24.88 2.64
CA GLN A 951 -0.94 -26.30 2.35
C GLN A 951 0.27 -26.80 1.59
N MET A 952 0.73 -26.01 0.61
CA MET A 952 1.92 -26.40 -0.10
C MET A 952 3.10 -26.58 0.84
N PHE A 953 3.30 -25.61 1.75
CA PHE A 953 4.38 -25.77 2.72
C PHE A 953 4.28 -27.06 3.51
N LYS A 954 3.06 -27.42 3.92
CA LYS A 954 2.92 -28.66 4.69
C LYS A 954 3.27 -29.84 3.82
N ILE A 955 2.70 -29.90 2.63
CA ILE A 955 2.96 -31.03 1.76
C ILE A 955 4.44 -31.10 1.44
N LEU A 956 5.05 -29.95 1.12
CA LEU A 956 6.47 -29.93 0.80
C LEU A 956 7.31 -30.41 1.97
N ALA A 957 6.97 -29.98 3.19
CA ALA A 957 7.71 -30.47 4.34
C ALA A 957 7.57 -31.99 4.47
N LEU A 958 6.36 -32.49 4.30
CA LEU A 958 6.19 -33.93 4.38
C LEU A 958 6.99 -34.62 3.29
N ASN A 959 6.95 -34.11 2.07
CA ASN A 959 7.72 -34.73 1.00
C ASN A 959 9.22 -34.65 1.27
N ALA A 960 9.68 -33.51 1.80
CA ALA A 960 11.10 -33.41 2.11
C ALA A 960 11.55 -34.43 3.15
N LEU A 961 10.74 -34.64 4.18
CA LEU A 961 11.12 -35.65 5.16
C LEU A 961 11.06 -37.03 4.53
N ILE A 962 10.03 -37.28 3.71
CA ILE A 962 9.98 -38.54 2.97
C ILE A 962 11.22 -38.66 2.10
N LEU A 963 11.56 -37.56 1.43
CA LEU A 963 12.76 -37.59 0.61
C LEU A 963 13.99 -37.83 1.47
N ALA A 964 14.14 -37.05 2.55
CA ALA A 964 15.29 -37.19 3.44
C ALA A 964 15.46 -38.61 3.95
N TYR A 965 14.36 -39.29 4.26
CA TYR A 965 14.49 -40.66 4.71
C TYR A 965 14.73 -41.63 3.57
N SER A 966 14.09 -41.43 2.43
CA SER A 966 14.34 -42.20 1.21
C SER A 966 15.75 -42.07 0.64
N GLN A 967 16.31 -40.86 0.63
CA GLN A 967 17.67 -40.55 0.18
C GLN A 967 18.84 -41.14 0.98
N SER A 968 18.84 -41.14 2.31
CA SER A 968 20.02 -41.69 2.95
C SER A 968 19.87 -43.05 3.62
N VAL A 969 18.76 -43.30 4.31
CA VAL A 969 18.61 -44.61 4.95
C VAL A 969 18.52 -45.69 3.90
N LEU A 970 17.77 -45.45 2.84
CA LEU A 970 17.72 -46.45 1.80
C LEU A 970 19.08 -46.61 1.17
N TYR A 971 19.79 -45.51 0.89
CA TYR A 971 21.13 -45.66 0.34
C TYR A 971 22.05 -46.35 1.37
N LEU A 972 21.80 -46.12 2.66
CA LEU A 972 22.51 -46.87 3.69
C LEU A 972 22.10 -48.34 3.70
N GLU A 973 20.87 -48.65 3.29
CA GLU A 973 20.54 -50.05 3.13
C GLU A 973 20.93 -50.53 1.75
N GLY A 974 21.44 -49.60 0.92
CA GLY A 974 21.88 -49.80 -0.44
C GLY A 974 20.88 -49.99 -1.54
N VAL A 975 19.59 -49.72 -1.37
CA VAL A 975 18.71 -49.88 -2.51
C VAL A 975 18.45 -48.50 -3.09
N LYS A 976 18.24 -48.43 -4.41
CA LYS A 976 17.90 -47.17 -5.05
C LYS A 976 16.65 -47.35 -5.90
N PHE A 977 16.01 -46.23 -6.21
CA PHE A 977 15.03 -46.19 -7.29
C PHE A 977 15.72 -46.41 -8.62
N SER A 978 15.01 -47.04 -9.57
CA SER A 978 15.53 -47.05 -10.92
C SER A 978 15.46 -45.65 -11.52
N ASP A 979 16.42 -45.33 -12.38
CA ASP A 979 16.37 -44.08 -13.13
C ASP A 979 15.01 -43.86 -13.80
N PHE A 980 14.45 -44.90 -14.42
CA PHE A 980 13.14 -44.75 -15.07
C PHE A 980 12.04 -44.60 -14.02
N GLN A 981 12.13 -45.40 -12.95
CA GLN A 981 11.20 -45.34 -11.83
C GLN A 981 11.20 -43.95 -11.21
N ALA A 982 12.41 -43.44 -10.92
CA ALA A 982 12.57 -42.11 -10.32
C ALA A 982 12.07 -41.03 -11.27
N THR A 983 12.36 -41.17 -12.57
CA THR A 983 11.93 -40.18 -13.55
C THR A 983 10.41 -40.11 -13.63
N LEU A 984 9.74 -41.26 -13.67
CA LEU A 984 8.28 -41.26 -13.73
C LEU A 984 7.68 -40.70 -12.44
N GLN A 985 8.23 -41.10 -11.29
CA GLN A 985 7.79 -40.55 -10.01
C GLN A 985 7.92 -39.03 -9.97
N GLY A 986 9.08 -38.51 -10.35
CA GLY A 986 9.27 -37.07 -10.43
C GLY A 986 8.29 -36.36 -11.36
N LEU A 987 8.06 -36.90 -12.56
CA LEU A 987 7.10 -36.26 -13.46
C LEU A 987 5.71 -36.22 -12.85
N LEU A 988 5.30 -37.29 -12.18
CA LEU A 988 3.97 -37.30 -11.56
C LEU A 988 3.89 -36.33 -10.39
N LEU A 989 4.94 -36.29 -9.57
CA LEU A 989 5.03 -35.31 -8.47
C LEU A 989 4.93 -33.87 -8.99
N ALA A 990 5.73 -33.52 -9.99
CA ALA A 990 5.67 -32.18 -10.58
C ALA A 990 4.29 -31.87 -11.13
N GLY A 991 3.66 -32.85 -11.78
CA GLY A 991 2.30 -32.69 -12.25
C GLY A 991 1.31 -32.41 -11.13
N CYS A 992 1.40 -33.17 -10.04
CA CYS A 992 0.49 -32.93 -8.93
C CYS A 992 0.67 -31.55 -8.32
N PHE A 993 1.91 -31.07 -8.12
CA PHE A 993 2.03 -29.69 -7.64
C PHE A 993 1.47 -28.67 -8.63
N LEU A 994 1.66 -28.88 -9.93
CA LEU A 994 1.02 -27.96 -10.89
C LEU A 994 -0.50 -27.97 -10.81
N PHE A 995 -1.11 -29.14 -10.63
CA PHE A 995 -2.57 -29.17 -10.52
C PHE A 995 -3.09 -28.67 -9.18
N ILE A 996 -2.35 -28.89 -8.10
CA ILE A 996 -2.70 -28.29 -6.80
C ILE A 996 -2.58 -26.78 -6.75
N SER A 997 -1.51 -26.19 -7.28
CA SER A 997 -1.35 -24.75 -7.24
C SER A 997 -2.40 -23.98 -8.03
N ARG A 998 -3.12 -24.63 -8.94
CA ARG A 998 -4.16 -23.99 -9.74
C ARG A 998 -5.56 -24.09 -9.14
N SER A 999 -5.70 -24.63 -7.94
CA SER A 999 -7.01 -24.71 -7.31
C SER A 999 -7.63 -23.31 -7.13
N LYS A 1000 -9.00 -23.21 -7.45
CA LYS A 1000 -9.85 -22.03 -7.38
C LYS A 1000 -10.54 -21.87 -6.03
N PRO A 1001 -10.76 -20.62 -5.61
CA PRO A 1001 -11.58 -20.32 -4.43
C PRO A 1001 -13.07 -20.52 -4.65
N LEU A 1002 -13.77 -20.81 -3.55
CA LEU A 1002 -15.22 -20.82 -3.59
C LEU A 1002 -15.77 -19.39 -3.70
N LYS A 1003 -16.98 -19.29 -4.25
CA LYS A 1003 -17.60 -17.99 -4.48
C LYS A 1003 -18.04 -17.34 -3.18
N THR A 1004 -18.44 -18.14 -2.20
CA THR A 1004 -18.97 -17.58 -0.96
C THR A 1004 -17.89 -17.44 0.12
N LEU A 1005 -17.90 -16.31 0.80
CA LEU A 1005 -17.07 -16.06 1.96
C LEU A 1005 -17.62 -16.80 3.18
N SER A 1006 -16.80 -17.69 3.73
CA SER A 1006 -17.16 -18.49 4.90
C SER A 1006 -17.07 -17.61 6.13
N ARG A 1007 -17.84 -17.95 7.17
CA ARG A 1007 -17.69 -17.25 8.44
C ARG A 1007 -16.42 -17.69 9.14
N GLU A 1008 -16.00 -18.94 8.91
CA GLU A 1008 -14.77 -19.44 9.51
C GLU A 1008 -13.58 -18.73 8.89
N ARG A 1009 -12.57 -18.48 9.71
CA ARG A 1009 -11.32 -17.89 9.22
C ARG A 1009 -10.27 -18.97 9.03
N PRO A 1010 -9.46 -18.89 7.96
CA PRO A 1010 -8.33 -19.81 7.84
C PRO A 1010 -7.27 -19.52 8.90
N LEU A 1011 -6.39 -20.50 9.10
CA LEU A 1011 -5.26 -20.27 9.99
C LEU A 1011 -4.37 -19.18 9.41
N PRO A 1012 -3.95 -18.20 10.21
CA PRO A 1012 -3.17 -17.08 9.67
C PRO A 1012 -1.70 -17.42 9.47
N ASN A 1013 -1.15 -18.23 10.36
CA ASN A 1013 0.30 -18.43 10.44
C ASN A 1013 0.68 -19.89 10.29
N ILE A 1014 1.91 -20.06 9.77
CA ILE A 1014 2.56 -21.37 9.65
C ILE A 1014 2.82 -21.98 11.03
N PHE A 1015 3.18 -21.16 12.02
CA PHE A 1015 3.39 -21.65 13.37
C PHE A 1015 2.07 -21.82 14.12
N ASN A 1016 1.47 -22.99 13.94
CA ASN A 1016 0.36 -23.37 14.79
C ASN A 1016 0.63 -24.76 15.37
N LEU A 1017 0.07 -25.00 16.55
CA LEU A 1017 0.17 -26.31 17.19
C LEU A 1017 -0.34 -27.42 16.27
N TYR A 1018 -1.43 -27.14 15.55
CA TYR A 1018 -1.99 -28.09 14.60
C TYR A 1018 -1.03 -28.45 13.47
N THR A 1019 -0.39 -27.46 12.85
CA THR A 1019 0.47 -27.76 11.71
C THR A 1019 1.71 -28.56 12.11
N ILE A 1020 2.30 -28.22 13.26
CA ILE A 1020 3.43 -29.00 13.75
C ILE A 1020 3.00 -30.43 14.08
N LEU A 1021 1.95 -30.57 14.88
CA LEU A 1021 1.55 -31.91 15.31
C LEU A 1021 1.06 -32.77 14.16
N THR A 1022 0.38 -32.19 13.17
CA THR A 1022 -0.02 -32.98 12.01
C THR A 1022 1.17 -33.40 11.16
N VAL A 1023 2.15 -32.53 10.95
CA VAL A 1023 3.33 -32.94 10.19
C VAL A 1023 4.09 -34.04 10.93
N MET A 1024 4.24 -33.86 12.25
CA MET A 1024 4.94 -34.87 13.06
C MET A 1024 4.21 -36.22 13.06
N LEU A 1025 2.89 -36.20 13.28
CA LEU A 1025 2.14 -37.45 13.39
C LEU A 1025 2.00 -38.16 12.06
N GLN A 1026 1.76 -37.42 10.97
CA GLN A 1026 1.76 -38.06 9.65
C GLN A 1026 3.11 -38.64 9.30
N PHE A 1027 4.19 -37.88 9.53
CA PHE A 1027 5.53 -38.43 9.32
C PHE A 1027 5.78 -39.68 10.15
N PHE A 1028 5.38 -39.68 11.43
CA PHE A 1028 5.57 -40.85 12.28
C PHE A 1028 4.79 -42.08 11.80
N VAL A 1029 3.55 -41.89 11.36
CA VAL A 1029 2.78 -42.99 10.77
C VAL A 1029 3.48 -43.54 9.53
N HIS A 1030 3.80 -42.66 8.59
CA HIS A 1030 4.49 -43.04 7.36
C HIS A 1030 5.82 -43.73 7.65
N PHE A 1031 6.54 -43.24 8.66
CA PHE A 1031 7.80 -43.81 9.10
C PHE A 1031 7.62 -45.23 9.61
N LEU A 1032 6.62 -45.45 10.47
CA LEU A 1032 6.36 -46.79 10.97
C LEU A 1032 6.01 -47.73 9.82
N SER A 1033 5.21 -47.26 8.86
CA SER A 1033 4.91 -48.06 7.67
C SER A 1033 6.19 -48.43 6.91
N LEU A 1034 7.09 -47.47 6.71
CA LEU A 1034 8.33 -47.75 5.99
C LEU A 1034 9.23 -48.72 6.74
N VAL A 1035 9.35 -48.57 8.06
CA VAL A 1035 10.12 -49.51 8.86
C VAL A 1035 9.53 -50.92 8.75
N TYR A 1036 8.22 -51.05 8.90
CA TYR A 1036 7.59 -52.37 8.84
C TYR A 1036 7.84 -53.04 7.50
N LEU A 1037 7.54 -52.33 6.41
CA LEU A 1037 7.70 -52.93 5.10
C LEU A 1037 9.16 -53.17 4.73
N TYR A 1038 10.08 -52.30 5.15
CA TYR A 1038 11.49 -52.61 4.96
C TYR A 1038 11.90 -53.91 5.67
N ARG A 1039 11.51 -54.09 6.93
CA ARG A 1039 11.83 -55.36 7.60
C ARG A 1039 11.18 -56.56 6.93
N GLU A 1040 9.92 -56.45 6.50
CA GLU A 1040 9.31 -57.57 5.79
C GLU A 1040 10.02 -57.87 4.46
N ALA A 1041 10.51 -56.84 3.78
CA ALA A 1041 11.30 -57.06 2.57
C ALA A 1041 12.65 -57.69 2.89
N GLN A 1042 13.31 -57.21 3.94
CA GLN A 1042 14.60 -57.79 4.35
C GLN A 1042 14.43 -59.23 4.78
N ALA A 1043 13.34 -59.53 5.49
CA ALA A 1043 13.06 -60.90 5.86
C ALA A 1043 12.75 -61.76 4.63
N ARG A 1044 12.34 -61.12 3.53
CA ARG A 1044 12.04 -61.93 2.35
C ARG A 1044 13.15 -61.81 1.30
N SER A 1045 14.02 -60.81 1.42
CA SER A 1045 15.20 -60.76 0.57
C SER A 1045 16.19 -61.85 0.95
N PRO A 1046 16.90 -62.43 -0.02
CA PRO A 1046 17.94 -63.40 0.30
C PRO A 1046 19.00 -62.80 1.23
N GLU A 1047 19.48 -63.63 2.15
CA GLU A 1047 20.59 -63.22 3.01
C GLU A 1047 21.81 -62.84 2.18
N LYS A 1048 22.46 -61.74 2.57
CA LYS A 1048 23.59 -61.20 1.84
C LYS A 1048 24.84 -61.47 2.66
N GLN A 1049 25.71 -62.35 2.14
CA GLN A 1049 27.03 -62.58 2.74
C GLN A 1049 27.97 -61.38 2.56
N GLU A 1050 27.52 -60.20 2.99
CA GLU A 1050 28.37 -59.01 2.96
C GLU A 1050 27.87 -58.03 4.01
N GLN A 1051 28.76 -57.66 4.93
CA GLN A 1051 28.41 -56.69 5.96
C GLN A 1051 28.23 -55.28 5.37
N PHE A 1052 28.70 -55.06 4.14
CA PHE A 1052 28.65 -53.72 3.55
C PHE A 1052 28.12 -53.71 2.13
N VAL A 1053 27.34 -52.67 1.88
CA VAL A 1053 26.69 -52.35 0.62
C VAL A 1053 27.71 -51.67 -0.31
N ASP A 1054 27.87 -52.21 -1.51
CA ASP A 1054 28.70 -51.49 -2.48
C ASP A 1054 28.02 -50.18 -2.85
N LEU A 1055 28.84 -49.22 -3.33
CA LEU A 1055 28.36 -47.85 -3.51
C LEU A 1055 27.47 -47.62 -4.72
N TYR A 1056 28.04 -47.67 -5.93
CA TYR A 1056 27.24 -47.40 -7.13
C TYR A 1056 26.88 -48.67 -7.90
N LYS A 1057 26.06 -49.50 -7.28
CA LYS A 1057 25.65 -50.76 -7.88
C LYS A 1057 24.76 -50.46 -9.09
N GLU A 1058 25.07 -51.06 -10.24
CA GLU A 1058 24.14 -51.00 -11.36
C GLU A 1058 22.80 -51.51 -10.89
N PHE A 1059 21.78 -50.65 -10.96
CA PHE A 1059 20.44 -51.02 -10.54
C PHE A 1059 19.99 -52.35 -11.13
N GLU A 1060 19.88 -53.33 -10.25
CA GLU A 1060 19.26 -54.63 -10.50
C GLU A 1060 17.86 -54.57 -9.91
N PRO A 1061 16.81 -54.81 -10.70
CA PRO A 1061 15.48 -54.82 -10.09
C PRO A 1061 15.37 -55.93 -9.07
N SER A 1062 15.16 -55.52 -7.82
CA SER A 1062 15.02 -56.44 -6.70
C SER A 1062 13.60 -56.36 -6.14
N LEU A 1063 13.21 -57.43 -5.45
CA LEU A 1063 11.94 -57.42 -4.73
C LEU A 1063 11.89 -56.29 -3.70
N VAL A 1064 12.98 -56.04 -2.99
CA VAL A 1064 13.03 -54.94 -2.02
C VAL A 1064 12.82 -53.60 -2.71
N ASN A 1065 13.55 -53.36 -3.81
CA ASN A 1065 13.37 -52.12 -4.55
C ASN A 1065 11.95 -51.95 -5.03
N SER A 1066 11.38 -52.98 -5.66
CA SER A 1066 10.03 -52.87 -6.19
C SER A 1066 8.99 -52.60 -5.09
N THR A 1067 9.12 -53.31 -3.96
CA THR A 1067 8.17 -53.11 -2.87
C THR A 1067 8.28 -51.73 -2.25
N VAL A 1068 9.50 -51.29 -1.90
CA VAL A 1068 9.64 -49.98 -1.29
C VAL A 1068 9.24 -48.87 -2.25
N TYR A 1069 9.57 -49.00 -3.54
CA TYR A 1069 9.14 -48.01 -4.52
C TYR A 1069 7.62 -47.92 -4.65
N ILE A 1070 6.96 -49.04 -4.88
CA ILE A 1070 5.51 -49.05 -5.02
C ILE A 1070 4.83 -48.49 -3.77
N MET A 1071 5.33 -48.87 -2.61
CA MET A 1071 4.76 -48.38 -1.37
C MET A 1071 5.01 -46.88 -1.20
N ALA A 1072 6.24 -46.43 -1.42
CA ALA A 1072 6.56 -45.01 -1.32
C ALA A 1072 5.73 -44.17 -2.26
N MET A 1073 5.56 -44.60 -3.51
CA MET A 1073 4.70 -43.87 -4.43
C MET A 1073 3.25 -43.81 -3.95
N ALA A 1074 2.71 -44.93 -3.47
CA ALA A 1074 1.33 -44.91 -2.98
C ALA A 1074 1.17 -44.01 -1.75
N MET A 1075 2.06 -44.14 -0.77
CA MET A 1075 2.00 -43.28 0.41
C MET A 1075 2.19 -41.80 0.09
N GLN A 1076 3.16 -41.45 -0.76
CA GLN A 1076 3.37 -40.06 -1.17
C GLN A 1076 2.16 -39.50 -1.93
N MET A 1077 1.47 -40.34 -2.71
CA MET A 1077 0.25 -39.87 -3.37
C MET A 1077 -0.88 -39.70 -2.36
N ALA A 1078 -0.93 -40.58 -1.36
CA ALA A 1078 -1.87 -40.40 -0.27
C ALA A 1078 -1.60 -39.09 0.44
N THR A 1079 -0.32 -38.76 0.64
CA THR A 1079 0.05 -37.51 1.28
C THR A 1079 -0.46 -36.32 0.48
N PHE A 1080 -0.42 -36.41 -0.85
CA PHE A 1080 -1.05 -35.36 -1.66
C PHE A 1080 -2.54 -35.26 -1.39
N ALA A 1081 -3.24 -36.39 -1.43
CA ALA A 1081 -4.68 -36.47 -1.25
C ALA A 1081 -5.18 -36.04 0.13
N ILE A 1082 -4.44 -36.33 1.19
CA ILE A 1082 -4.84 -36.04 2.56
C ILE A 1082 -4.81 -34.55 2.91
N ASN A 1083 -3.75 -33.81 2.53
CA ASN A 1083 -3.64 -32.45 3.06
C ASN A 1083 -4.37 -31.38 2.26
N TYR A 1084 -4.85 -31.65 1.05
CA TYR A 1084 -5.68 -30.63 0.39
C TYR A 1084 -7.02 -30.52 1.11
N LYS A 1085 -7.29 -29.34 1.68
CA LYS A 1085 -8.51 -29.07 2.43
C LYS A 1085 -9.13 -27.75 1.94
N GLY A 1086 -10.31 -27.83 1.33
CA GLY A 1086 -10.95 -26.63 0.85
C GLY A 1086 -12.47 -26.47 0.87
N PRO A 1087 -13.24 -27.35 1.51
CA PRO A 1087 -14.72 -27.23 1.38
C PRO A 1087 -15.28 -25.94 1.95
N PRO A 1088 -14.62 -25.27 2.89
CA PRO A 1088 -15.07 -23.89 3.20
C PRO A 1088 -14.30 -22.82 2.46
N PHE A 1089 -13.09 -23.15 1.99
CA PHE A 1089 -12.16 -22.18 1.43
C PHE A 1089 -11.86 -22.32 -0.05
N MET A 1090 -11.86 -23.54 -0.59
CA MET A 1090 -11.50 -23.78 -1.98
C MET A 1090 -12.51 -24.69 -2.67
N GLU A 1091 -12.36 -24.83 -3.98
CA GLU A 1091 -13.22 -25.73 -4.71
C GLU A 1091 -13.04 -27.14 -4.16
N SER A 1092 -14.12 -27.91 -4.15
CA SER A 1092 -14.05 -29.27 -3.68
C SER A 1092 -13.23 -30.15 -4.60
N LEU A 1093 -12.81 -31.29 -4.04
CA LEU A 1093 -12.02 -32.27 -4.78
C LEU A 1093 -12.63 -32.65 -6.13
N PRO A 1094 -13.91 -32.96 -6.26
CA PRO A 1094 -14.43 -33.29 -7.60
C PRO A 1094 -14.42 -32.12 -8.58
N GLU A 1095 -14.40 -30.87 -8.09
CA GLU A 1095 -14.33 -29.73 -8.99
C GLU A 1095 -12.94 -29.45 -9.58
N ASN A 1096 -11.85 -29.71 -8.85
CA ASN A 1096 -10.52 -29.55 -9.47
C ASN A 1096 -10.23 -30.79 -10.33
N LYS A 1097 -10.91 -30.86 -11.47
CA LYS A 1097 -10.79 -31.97 -12.40
C LYS A 1097 -9.36 -32.35 -12.78
N PRO A 1098 -8.46 -31.42 -13.11
CA PRO A 1098 -7.07 -31.85 -13.41
C PRO A 1098 -6.45 -32.64 -12.27
N LEU A 1099 -6.66 -32.18 -11.04
CA LEU A 1099 -6.17 -32.90 -9.87
C LEU A 1099 -6.86 -34.25 -9.73
N VAL A 1100 -8.16 -34.30 -9.97
CA VAL A 1100 -8.90 -35.56 -9.92
C VAL A 1100 -8.31 -36.56 -10.91
N TRP A 1101 -8.03 -36.12 -12.13
CA TRP A 1101 -7.40 -37.00 -13.11
C TRP A 1101 -6.02 -37.45 -12.67
N SER A 1102 -5.24 -36.55 -12.07
CA SER A 1102 -3.92 -36.95 -11.56
C SER A 1102 -4.02 -38.01 -10.46
N LEU A 1103 -4.91 -37.81 -9.49
CA LEU A 1103 -5.10 -38.82 -8.45
C LEU A 1103 -5.70 -40.12 -8.97
N ALA A 1104 -6.62 -40.05 -9.93
CA ALA A 1104 -7.19 -41.29 -10.47
C ALA A 1104 -6.18 -42.07 -11.28
N VAL A 1105 -5.39 -41.38 -12.11
CA VAL A 1105 -4.34 -42.05 -12.87
C VAL A 1105 -3.28 -42.63 -11.93
N SER A 1106 -2.88 -41.89 -10.89
CA SER A 1106 -1.92 -42.44 -9.94
C SER A 1106 -2.46 -43.63 -9.14
N LEU A 1107 -3.70 -43.59 -8.68
CA LEU A 1107 -4.28 -44.76 -8.01
C LEU A 1107 -4.38 -45.97 -8.94
N LEU A 1108 -4.83 -45.75 -10.17
CA LEU A 1108 -4.84 -46.83 -11.15
C LEU A 1108 -3.44 -47.36 -11.45
N ALA A 1109 -2.46 -46.47 -11.51
CA ALA A 1109 -1.07 -46.88 -11.69
C ALA A 1109 -0.57 -47.71 -10.51
N ILE A 1110 -0.82 -47.27 -9.28
CA ILE A 1110 -0.42 -48.03 -8.11
C ILE A 1110 -1.06 -49.42 -8.10
N ILE A 1111 -2.37 -49.50 -8.36
CA ILE A 1111 -3.01 -50.82 -8.40
C ILE A 1111 -2.45 -51.69 -9.53
N GLY A 1112 -2.22 -51.12 -10.71
CA GLY A 1112 -1.63 -51.87 -11.81
C GLY A 1112 -0.23 -52.36 -11.54
N LEU A 1113 0.60 -51.50 -10.95
CA LEU A 1113 1.95 -51.88 -10.54
C LEU A 1113 1.96 -52.95 -9.47
N LEU A 1114 1.08 -52.85 -8.46
CA LEU A 1114 1.06 -53.90 -7.44
C LEU A 1114 0.58 -55.21 -8.05
N LEU A 1115 -0.45 -55.15 -8.89
CA LEU A 1115 -0.94 -56.34 -9.57
C LEU A 1115 0.05 -56.77 -10.65
N GLY A 1116 -0.01 -58.05 -11.01
CA GLY A 1116 1.02 -58.60 -11.87
C GLY A 1116 0.46 -59.40 -13.02
N SER A 1117 -0.65 -58.94 -13.59
CA SER A 1117 -1.33 -59.70 -14.64
C SER A 1117 -0.47 -59.82 -15.89
N SER A 1118 0.51 -58.93 -16.05
CA SER A 1118 1.43 -59.00 -17.18
C SER A 1118 2.87 -58.71 -16.78
N PRO A 1119 3.77 -59.70 -16.92
CA PRO A 1119 5.18 -59.47 -16.59
C PRO A 1119 5.89 -58.47 -17.48
N ASP A 1120 5.56 -58.43 -18.78
CA ASP A 1120 6.15 -57.44 -19.68
C ASP A 1120 5.88 -56.00 -19.24
N PHE A 1121 4.65 -55.69 -18.83
CA PHE A 1121 4.32 -54.34 -18.38
C PHE A 1121 5.12 -53.98 -17.14
N ASN A 1122 5.24 -54.91 -16.20
CA ASN A 1122 6.08 -54.68 -15.04
C ASN A 1122 7.53 -54.47 -15.45
N SER A 1123 7.99 -55.21 -16.47
CA SER A 1123 9.35 -55.06 -16.95
C SER A 1123 9.64 -53.67 -17.54
N GLN A 1124 8.69 -53.07 -18.27
CA GLN A 1124 9.01 -51.70 -18.71
C GLN A 1124 9.11 -50.77 -17.51
N PHE A 1125 8.32 -51.03 -16.47
CA PHE A 1125 8.36 -50.27 -15.23
C PHE A 1125 9.44 -50.82 -14.28
N GLY A 1126 10.09 -51.91 -14.68
CA GLY A 1126 11.05 -52.66 -13.88
C GLY A 1126 10.54 -53.25 -12.58
N LEU A 1127 9.32 -53.77 -12.54
CA LEU A 1127 8.82 -54.41 -11.33
C LEU A 1127 9.04 -55.91 -11.38
N VAL A 1128 9.49 -56.46 -10.26
CA VAL A 1128 9.59 -57.89 -10.10
C VAL A 1128 8.24 -58.44 -9.65
N ASP A 1129 7.89 -59.63 -10.14
CA ASP A 1129 6.67 -60.29 -9.68
C ASP A 1129 6.72 -60.57 -8.19
N ILE A 1130 5.83 -59.93 -7.44
CA ILE A 1130 5.71 -60.08 -5.98
C ILE A 1130 4.95 -61.35 -5.65
N PRO A 1131 5.44 -62.19 -4.72
CA PRO A 1131 4.65 -63.32 -4.26
C PRO A 1131 3.29 -62.91 -3.69
N VAL A 1132 2.28 -63.72 -4.01
CA VAL A 1132 0.89 -63.42 -3.66
C VAL A 1132 0.68 -63.28 -2.15
N GLU A 1133 1.29 -64.16 -1.35
CA GLU A 1133 1.16 -64.02 0.10
C GLU A 1133 1.71 -62.68 0.59
N PHE A 1134 2.86 -62.27 0.06
CA PHE A 1134 3.46 -61.00 0.42
C PHE A 1134 2.69 -59.84 -0.19
N LYS A 1135 2.15 -60.03 -1.39
CA LYS A 1135 1.25 -59.08 -2.03
C LYS A 1135 0.05 -58.71 -1.17
N LEU A 1136 -0.54 -59.71 -0.51
CA LEU A 1136 -1.68 -59.44 0.37
C LEU A 1136 -1.28 -58.64 1.61
N VAL A 1137 -0.15 -59.00 2.23
CA VAL A 1137 0.35 -58.23 3.36
C VAL A 1137 0.66 -56.78 2.99
N ILE A 1138 1.33 -56.59 1.85
CA ILE A 1138 1.61 -55.24 1.37
C ILE A 1138 0.33 -54.44 1.17
N ALA A 1139 -0.64 -55.01 0.45
CA ALA A 1139 -1.90 -54.28 0.23
C ALA A 1139 -2.63 -53.95 1.52
N GLN A 1140 -2.70 -54.90 2.46
CA GLN A 1140 -3.38 -54.61 3.73
C GLN A 1140 -2.67 -53.52 4.54
N VAL A 1141 -1.34 -53.60 4.63
CA VAL A 1141 -0.63 -52.58 5.40
C VAL A 1141 -0.71 -51.21 4.74
N LEU A 1142 -0.60 -51.15 3.41
CA LEU A 1142 -0.75 -49.86 2.71
C LEU A 1142 -2.14 -49.26 2.90
N LEU A 1143 -3.17 -50.11 2.90
CA LEU A 1143 -4.52 -49.62 3.18
C LEU A 1143 -4.65 -49.13 4.62
N LEU A 1144 -4.12 -49.89 5.58
CA LEU A 1144 -4.15 -49.47 6.97
C LEU A 1144 -3.40 -48.15 7.17
N ASP A 1145 -2.22 -48.03 6.56
CA ASP A 1145 -1.45 -46.78 6.60
C ASP A 1145 -2.28 -45.61 6.11
N PHE A 1146 -2.88 -45.73 4.93
CA PHE A 1146 -3.74 -44.67 4.40
C PHE A 1146 -4.88 -44.33 5.37
N CYS A 1147 -5.57 -45.34 5.90
CA CYS A 1147 -6.69 -45.08 6.80
C CYS A 1147 -6.25 -44.42 8.10
N LEU A 1148 -5.15 -44.89 8.68
CA LEU A 1148 -4.67 -44.33 9.94
C LEU A 1148 -4.17 -42.90 9.77
N ALA A 1149 -3.42 -42.63 8.68
CA ALA A 1149 -2.97 -41.26 8.44
C ALA A 1149 -4.14 -40.31 8.17
N LEU A 1150 -5.16 -40.77 7.45
CA LEU A 1150 -6.36 -39.95 7.28
C LEU A 1150 -7.04 -39.67 8.61
N LEU A 1151 -7.22 -40.71 9.43
CA LEU A 1151 -7.88 -40.51 10.72
C LEU A 1151 -7.07 -39.55 11.60
N ALA A 1152 -5.76 -39.74 11.65
CA ALA A 1152 -4.87 -38.84 12.38
C ALA A 1152 -5.04 -37.38 11.96
N ASP A 1153 -4.99 -37.10 10.65
CA ASP A 1153 -5.14 -35.73 10.19
C ASP A 1153 -6.53 -35.16 10.55
N ARG A 1154 -7.59 -35.97 10.36
CA ARG A 1154 -8.93 -35.45 10.60
C ARG A 1154 -9.19 -35.23 12.09
N VAL A 1155 -8.71 -36.14 12.94
CA VAL A 1155 -8.82 -35.97 14.38
C VAL A 1155 -8.05 -34.75 14.85
N LEU A 1156 -6.81 -34.57 14.40
CA LEU A 1156 -6.05 -33.38 14.81
C LEU A 1156 -6.71 -32.09 14.34
N GLN A 1157 -7.29 -32.09 13.14
CA GLN A 1157 -8.03 -30.90 12.71
C GLN A 1157 -9.23 -30.63 13.61
N PHE A 1158 -9.97 -31.69 13.96
CA PHE A 1158 -11.14 -31.54 14.84
C PHE A 1158 -10.74 -30.99 16.20
N PHE A 1159 -9.60 -31.43 16.73
CA PHE A 1159 -9.14 -31.02 18.05
C PHE A 1159 -8.43 -29.67 18.09
N LEU A 1160 -7.73 -29.23 17.04
CA LEU A 1160 -6.86 -28.09 17.28
C LEU A 1160 -7.12 -26.90 16.37
N GLY A 1161 -8.09 -26.96 15.47
CA GLY A 1161 -8.21 -25.91 14.48
C GLY A 1161 -8.91 -24.72 15.09
N THR A 1162 -8.95 -23.61 14.34
CA THR A 1162 -9.51 -22.31 14.77
C THR A 1162 -8.73 -21.74 15.95
N PRO A 1163 -8.75 -20.40 16.15
CA PRO A 1163 -8.09 -19.85 17.35
C PRO A 1163 -8.86 -20.13 18.63
N UNK B 1 17.02 -38.54 -13.98
CA UNK B 1 17.41 -38.20 -12.62
C UNK B 1 16.32 -37.39 -11.93
N UNK B 2 16.21 -37.53 -10.61
CA UNK B 2 15.29 -36.67 -9.86
C UNK B 2 15.68 -35.21 -10.04
N UNK B 3 16.97 -34.95 -10.22
CA UNK B 3 17.43 -33.58 -10.48
C UNK B 3 16.91 -33.07 -11.82
N UNK B 4 16.93 -33.90 -12.86
CA UNK B 4 16.50 -33.46 -14.18
C UNK B 4 15.02 -33.15 -14.20
N UNK B 5 14.22 -33.94 -13.47
CA UNK B 5 12.77 -33.75 -13.46
C UNK B 5 12.39 -32.38 -12.92
N UNK B 6 13.30 -31.74 -12.19
CA UNK B 6 12.98 -30.47 -11.58
C UNK B 6 12.74 -29.40 -12.63
N UNK B 7 13.47 -29.49 -13.77
CA UNK B 7 13.20 -28.61 -14.90
C UNK B 7 11.80 -28.82 -15.46
N UNK B 8 11.37 -30.08 -15.55
CA UNK B 8 10.08 -30.38 -16.18
C UNK B 8 8.96 -29.54 -15.55
N UNK B 9 9.17 -29.10 -14.31
CA UNK B 9 8.34 -28.04 -13.76
C UNK B 9 8.95 -26.66 -13.98
N UNK B 10 10.28 -26.53 -13.81
CA UNK B 10 10.91 -25.23 -14.03
C UNK B 10 10.68 -24.74 -15.45
N UNK B 11 10.72 -25.65 -16.43
CA UNK B 11 10.35 -25.29 -17.79
C UNK B 11 8.90 -24.85 -17.85
N UNK B 12 8.01 -25.59 -17.19
CA UNK B 12 6.58 -25.37 -17.39
C UNK B 12 6.12 -24.06 -16.77
N UNK B 13 6.64 -23.74 -15.58
CA UNK B 13 6.24 -22.46 -14.97
C UNK B 13 6.81 -21.29 -15.75
N UNK B 14 7.99 -21.46 -16.35
CA UNK B 14 8.54 -20.43 -17.23
C UNK B 14 7.67 -20.24 -18.46
N UNK B 15 6.99 -21.30 -18.89
CA UNK B 15 6.02 -21.20 -19.99
C UNK B 15 4.81 -20.38 -19.55
N UNK B 16 4.51 -20.39 -18.25
CA UNK B 16 3.29 -19.75 -17.77
C UNK B 16 3.28 -18.25 -18.01
N UNK B 17 4.43 -17.59 -17.81
CA UNK B 17 4.48 -16.14 -17.93
C UNK B 17 4.11 -15.63 -19.32
N UNK B 18 4.72 -16.11 -20.42
CA UNK B 18 4.31 -15.59 -21.74
C UNK B 18 2.85 -15.83 -22.05
N UNK B 19 2.28 -16.93 -21.55
CA UNK B 19 0.85 -17.15 -21.71
C UNK B 19 0.05 -16.12 -20.92
N UNK B 20 0.53 -15.73 -19.74
CA UNK B 20 -0.17 -14.79 -18.88
C UNK B 20 0.21 -13.34 -19.14
N UNK B 21 1.18 -13.07 -20.01
CA UNK B 21 1.51 -11.69 -20.34
C UNK B 21 0.34 -10.93 -20.96
N UNK B 22 -0.38 -11.46 -21.96
CA UNK B 22 -1.52 -10.68 -22.46
C UNK B 22 -2.68 -10.61 -21.46
#